data_2IUA
#
_entry.id   2IUA
#
_cell.length_a   98.679
_cell.length_b   98.679
_cell.length_c   284.505
_cell.angle_alpha   90.00
_cell.angle_beta   90.00
_cell.angle_gamma   90.00
#
_symmetry.space_group_name_H-M   'P 41 21 2'
#
loop_
_entity.id
_entity.type
_entity.pdbx_description
1 polymer 'UDP-3-O-[3-HYDROXYMYRISTOYL] GLUCOSAMINE N-ACYLTRANSFERASE'
2 non-polymer '2-(N-MORPHOLINO)-ETHANESULFONIC ACID'
3 non-polymer 'SULFATE ION'
4 non-polymer 'PALMITIC ACID'
5 water water
#
_entity_poly.entity_id   1
_entity_poly.type   'polypeptide(L)'
_entity_poly.pdbx_seq_one_letter_code
;MGSSHHHHHHSSGLVPRGSHMSQSTYSLEQLADFLKVEFQGNGATLLSGVEEIEEAKTAHITFLDNEKYAKHLKSSEAGA
IIISRTQFQKYRDLNKNFLITSESPSLVFQKCLELFITPVDSGFPGIHPTAVIHPTAIIEDHVCIEPYAVVCQHAHVGSA
CHIGSGSVIGAYSTVGEHSYIHPRVVIRERVSIGKRVIIQPGAVIGSCGFGYVTSAFGQHKHLKHLGKVIIEDDVEIGAN
TTIDRGRFKHSVVREGSKIDNLVQIAHQVEVGQHSMIVAQAGIAGSTKIGNHVIIGGQAGITGHICIADHVIMMAQTGVT
KSITSPGIYGGAPARPYQEIHRQVAKVRNLPRLEERIAALEKLVQKLEALSEQH
;
_entity_poly.pdbx_strand_id   A,B,C
#
loop_
_chem_comp.id
_chem_comp.type
_chem_comp.name
_chem_comp.formula
MES non-polymer '2-(N-MORPHOLINO)-ETHANESULFONIC ACID' 'C6 H13 N O4 S'
PLM non-polymer 'PALMITIC ACID' 'C16 H32 O2'
SO4 non-polymer 'SULFATE ION' 'O4 S -2'
#
# COMPACT_ATOMS: atom_id res chain seq x y z
N MET A 21 29.89 25.30 -11.42
CA MET A 21 30.51 24.17 -12.18
C MET A 21 29.48 23.34 -12.98
N SER A 22 29.90 22.86 -14.14
CA SER A 22 29.11 21.87 -14.88
C SER A 22 30.04 20.95 -15.62
N GLN A 23 29.96 19.67 -15.25
CA GLN A 23 30.84 18.64 -15.81
C GLN A 23 31.08 18.85 -17.33
N SER A 24 30.19 19.61 -17.99
CA SER A 24 30.23 19.75 -19.45
C SER A 24 29.70 21.04 -20.11
N THR A 25 30.38 21.46 -21.18
CA THR A 25 29.86 22.42 -22.18
C THR A 25 29.88 21.84 -23.61
N TYR A 26 28.85 22.15 -24.38
CA TYR A 26 28.76 21.76 -25.80
C TYR A 26 28.32 22.97 -26.60
N SER A 27 28.60 22.98 -27.90
CA SER A 27 28.00 23.96 -28.80
C SER A 27 26.75 23.34 -29.46
N LEU A 28 25.79 24.18 -29.82
CA LEU A 28 24.55 23.71 -30.42
C LEU A 28 24.86 22.66 -31.49
N GLU A 29 25.77 23.04 -32.37
CA GLU A 29 26.15 22.25 -33.51
C GLU A 29 26.88 20.98 -33.12
N GLN A 30 27.72 21.09 -32.09
CA GLN A 30 28.41 19.91 -31.59
C GLN A 30 27.43 18.88 -31.09
N LEU A 31 26.43 19.35 -30.33
CA LEU A 31 25.37 18.52 -29.78
C LEU A 31 24.44 17.93 -30.83
N ALA A 32 24.03 18.75 -31.79
CA ALA A 32 23.29 18.27 -32.94
C ALA A 32 24.00 17.03 -33.54
N ASP A 33 25.32 17.14 -33.72
CA ASP A 33 26.06 16.05 -34.35
C ASP A 33 26.10 14.84 -33.42
N PHE A 34 26.22 15.09 -32.11
CA PHE A 34 26.17 14.00 -31.14
C PHE A 34 24.82 13.30 -31.15
N LEU A 35 23.74 14.07 -31.14
CA LEU A 35 22.39 13.51 -31.15
C LEU A 35 21.95 12.87 -32.47
N LYS A 36 22.66 13.17 -33.56
CA LYS A 36 22.25 12.77 -34.92
C LYS A 36 20.91 13.42 -35.32
N VAL A 37 20.88 14.73 -35.13
CA VAL A 37 19.70 15.56 -35.24
C VAL A 37 20.09 16.82 -36.03
N GLU A 38 19.19 17.30 -36.90
CA GLU A 38 19.39 18.57 -37.61
C GLU A 38 19.32 19.69 -36.61
N PHE A 39 19.94 20.85 -36.89
CA PHE A 39 19.76 22.03 -36.04
C PHE A 39 19.46 23.28 -36.86
N GLN A 40 18.85 24.28 -36.22
CA GLN A 40 18.45 25.56 -36.84
C GLN A 40 18.66 26.64 -35.83
N GLY A 41 19.56 27.57 -36.12
CA GLY A 41 19.91 28.58 -35.14
C GLY A 41 21.37 28.92 -35.23
N ASN A 42 22.01 29.19 -34.09
CA ASN A 42 23.43 29.52 -34.06
C ASN A 42 24.27 28.37 -33.53
N GLY A 43 24.97 27.70 -34.44
CA GLY A 43 25.77 26.52 -34.11
C GLY A 43 26.81 26.71 -33.02
N ALA A 44 27.18 27.95 -32.74
CA ALA A 44 28.24 28.20 -31.78
C ALA A 44 27.73 28.45 -30.37
N THR A 45 26.41 28.53 -30.21
CA THR A 45 25.77 28.78 -28.90
C THR A 45 26.21 27.71 -27.91
N LEU A 46 26.53 28.17 -26.70
CA LEU A 46 27.10 27.28 -25.70
C LEU A 46 26.02 26.77 -24.75
N LEU A 47 26.16 25.52 -24.35
CA LEU A 47 25.11 24.80 -23.66
C LEU A 47 25.74 23.96 -22.57
N SER A 48 25.35 24.22 -21.33
CA SER A 48 26.02 23.56 -20.21
C SER A 48 25.03 23.02 -19.19
N GLY A 49 23.84 22.67 -19.66
CA GLY A 49 22.87 21.95 -18.82
C GLY A 49 21.50 21.79 -19.43
N VAL A 50 20.58 21.21 -18.65
CA VAL A 50 19.21 20.98 -19.07
C VAL A 50 18.22 21.61 -18.11
N GLU A 51 17.08 22.07 -18.61
CA GLU A 51 16.01 22.56 -17.73
C GLU A 51 14.62 22.45 -18.38
N GLU A 52 13.58 22.44 -17.56
CA GLU A 52 12.22 22.45 -18.06
C GLU A 52 11.92 23.78 -18.74
N ILE A 53 11.12 23.73 -19.80
CA ILE A 53 10.95 24.85 -20.73
C ILE A 53 10.54 26.22 -20.13
N GLU A 54 9.82 26.21 -19.02
CA GLU A 54 9.37 27.48 -18.41
C GLU A 54 10.40 28.06 -17.45
N GLU A 55 11.42 27.29 -17.12
CA GLU A 55 12.50 27.71 -16.22
C GLU A 55 13.89 27.80 -16.87
N ALA A 56 13.99 27.32 -18.10
CA ALA A 56 15.26 27.30 -18.80
C ALA A 56 15.83 28.71 -19.00
N LYS A 57 17.16 28.80 -18.89
CA LYS A 57 17.92 30.01 -19.23
C LYS A 57 18.83 29.73 -20.44
N THR A 58 19.50 30.78 -20.92
CA THR A 58 20.36 30.76 -22.13
C THR A 58 21.31 29.56 -22.24
N ALA A 59 21.89 29.15 -21.12
CA ALA A 59 22.81 28.01 -21.10
C ALA A 59 22.12 26.64 -21.20
N HIS A 60 20.79 26.63 -21.10
CA HIS A 60 20.03 25.39 -20.96
C HIS A 60 19.47 24.79 -22.24
N ILE A 61 19.44 23.46 -22.26
CA ILE A 61 18.78 22.67 -23.29
C ILE A 61 17.42 22.29 -22.73
N THR A 62 16.40 22.37 -23.57
CA THR A 62 15.06 21.97 -23.17
C THR A 62 14.28 21.32 -24.32
N PHE A 63 13.08 20.81 -24.04
CA PHE A 63 12.24 20.30 -25.13
C PHE A 63 10.83 20.89 -25.14
N LEU A 64 10.20 20.86 -26.32
CA LEU A 64 8.81 21.27 -26.45
C LEU A 64 7.93 20.03 -26.29
N ASP A 65 7.05 20.13 -25.29
CA ASP A 65 6.15 19.07 -24.83
C ASP A 65 5.49 18.22 -25.92
N ASN A 66 4.42 18.76 -26.49
CA ASN A 66 3.37 17.99 -27.15
C ASN A 66 2.07 18.70 -26.81
N GLU A 67 2.04 19.25 -25.60
CA GLU A 67 1.12 20.29 -25.19
C GLU A 67 1.90 21.59 -25.30
N LYS A 68 1.66 22.51 -24.37
CA LYS A 68 2.41 23.77 -24.30
C LYS A 68 2.21 24.66 -25.53
N TYR A 69 1.18 25.51 -25.47
CA TYR A 69 0.87 26.44 -26.56
C TYR A 69 2.11 27.27 -26.97
N ALA A 70 2.02 27.89 -28.15
CA ALA A 70 3.06 28.78 -28.72
C ALA A 70 3.65 29.83 -27.78
N LYS A 71 2.88 30.30 -26.79
CA LYS A 71 3.38 31.29 -25.83
C LYS A 71 4.51 30.76 -24.95
N HIS A 72 4.44 29.49 -24.57
CA HIS A 72 5.50 28.82 -23.80
C HIS A 72 6.81 28.85 -24.57
N LEU A 73 6.72 28.65 -25.88
CA LEU A 73 7.85 28.58 -26.77
C LEU A 73 8.49 29.95 -26.97
N LYS A 74 7.66 30.93 -27.28
CA LYS A 74 8.13 32.29 -27.56
C LYS A 74 8.87 32.90 -26.37
N SER A 75 8.24 32.93 -25.20
CA SER A 75 8.86 33.59 -24.06
C SER A 75 9.90 32.73 -23.36
N SER A 76 10.22 31.58 -23.95
CA SER A 76 11.31 30.73 -23.45
C SER A 76 12.66 31.34 -23.80
N GLU A 77 13.49 31.49 -22.79
CA GLU A 77 14.83 32.02 -22.97
C GLU A 77 15.83 30.88 -22.81
N ALA A 78 15.92 30.04 -23.82
CA ALA A 78 16.71 28.82 -23.69
C ALA A 78 17.66 28.71 -24.83
N GLY A 79 18.87 28.26 -24.50
CA GLY A 79 19.92 28.04 -25.49
C GLY A 79 19.56 27.13 -26.63
N ALA A 80 18.86 26.04 -26.33
CA ALA A 80 18.42 25.10 -27.34
C ALA A 80 17.09 24.53 -26.94
N ILE A 81 16.27 24.15 -27.93
CA ILE A 81 14.92 23.65 -27.75
C ILE A 81 14.71 22.47 -28.67
N ILE A 82 14.60 21.29 -28.08
CA ILE A 82 14.37 20.06 -28.81
C ILE A 82 12.89 20.04 -29.24
N ILE A 83 12.66 19.88 -30.54
CA ILE A 83 11.36 20.02 -31.17
C ILE A 83 11.23 18.94 -32.24
N SER A 84 10.01 18.60 -32.62
CA SER A 84 9.81 17.57 -33.66
C SER A 84 9.63 18.27 -34.99
N ARG A 85 9.74 17.50 -36.08
CA ARG A 85 9.60 18.05 -37.43
CA ARG A 85 9.61 18.05 -37.43
C ARG A 85 8.26 18.75 -37.63
N THR A 86 7.17 18.09 -37.25
CA THR A 86 5.86 18.69 -37.39
C THR A 86 5.78 20.04 -36.66
N GLN A 87 6.09 20.05 -35.37
CA GLN A 87 6.05 21.30 -34.61
C GLN A 87 6.92 22.36 -35.27
N PHE A 88 8.08 21.95 -35.78
CA PHE A 88 9.02 22.91 -36.36
C PHE A 88 8.35 23.66 -37.51
N GLN A 89 7.78 22.92 -38.47
CA GLN A 89 6.97 23.45 -39.59
C GLN A 89 6.08 24.63 -39.24
N LYS A 90 5.56 24.62 -38.01
CA LYS A 90 4.61 25.61 -37.53
C LYS A 90 5.30 26.82 -36.93
N TYR A 91 6.54 26.62 -36.51
CA TYR A 91 7.31 27.65 -35.79
C TYR A 91 8.63 28.00 -36.47
N ARG A 92 8.74 27.68 -37.77
CA ARG A 92 9.88 28.05 -38.62
C ARG A 92 10.36 29.46 -38.37
N ASP A 93 9.42 30.40 -38.26
CA ASP A 93 9.77 31.83 -38.27
C ASP A 93 10.37 32.38 -36.96
N LEU A 94 10.30 31.58 -35.90
CA LEU A 94 10.76 32.04 -34.60
C LEU A 94 12.26 31.89 -34.47
N ASN A 95 12.90 32.93 -33.96
CA ASN A 95 14.34 32.94 -33.75
C ASN A 95 14.68 32.35 -32.38
N LYS A 96 14.74 31.03 -32.39
CA LYS A 96 15.17 30.22 -31.26
C LYS A 96 16.15 29.23 -31.84
N ASN A 97 17.05 28.69 -31.02
CA ASN A 97 17.92 27.61 -31.47
C ASN A 97 17.20 26.29 -31.34
N PHE A 98 17.00 25.58 -32.45
CA PHE A 98 16.17 24.37 -32.44
C PHE A 98 16.97 23.11 -32.71
N LEU A 99 16.69 22.06 -31.95
CA LEU A 99 17.23 20.74 -32.25
C LEU A 99 16.13 19.82 -32.76
N ILE A 100 16.07 19.65 -34.08
CA ILE A 100 14.88 19.09 -34.72
C ILE A 100 14.99 17.59 -34.95
N THR A 101 14.02 16.85 -34.42
CA THR A 101 14.01 15.38 -34.45
C THR A 101 12.73 14.80 -35.05
N SER A 102 12.86 13.59 -35.59
CA SER A 102 11.72 12.77 -36.02
C SER A 102 11.27 11.78 -34.91
N GLU A 103 11.98 11.77 -33.78
CA GLU A 103 11.62 10.96 -32.62
C GLU A 103 10.91 11.86 -31.61
N SER A 104 10.63 11.31 -30.43
CA SER A 104 9.91 12.06 -29.43
C SER A 104 10.88 12.97 -28.73
N PRO A 105 10.57 14.27 -28.71
CA PRO A 105 11.42 15.31 -28.16
C PRO A 105 11.98 14.96 -26.79
N SER A 106 11.12 14.45 -25.93
CA SER A 106 11.47 13.98 -24.59
C SER A 106 12.51 12.87 -24.62
N LEU A 107 12.34 11.90 -25.52
CA LEU A 107 13.31 10.82 -25.60
C LEU A 107 14.67 11.37 -25.97
N VAL A 108 14.68 12.39 -26.84
CA VAL A 108 15.93 13.02 -27.23
C VAL A 108 16.46 13.86 -26.08
N PHE A 109 15.60 14.64 -25.44
CA PHE A 109 15.97 15.37 -24.22
C PHE A 109 16.64 14.47 -23.21
N GLN A 110 16.09 13.26 -23.03
CA GLN A 110 16.69 12.24 -22.17
C GLN A 110 18.21 12.09 -22.36
N LYS A 111 18.65 11.96 -23.61
CA LYS A 111 20.07 11.76 -23.94
C LYS A 111 20.88 12.97 -23.53
N CYS A 112 20.30 14.15 -23.72
CA CYS A 112 20.90 15.37 -23.24
C CYS A 112 21.04 15.37 -21.74
N LEU A 113 19.99 14.94 -21.05
CA LEU A 113 20.04 14.87 -19.61
C LEU A 113 21.16 13.94 -19.17
N GLU A 114 21.30 12.83 -19.88
CA GLU A 114 22.27 11.81 -19.49
C GLU A 114 23.72 12.25 -19.70
N LEU A 115 23.91 13.41 -20.33
CA LEU A 115 25.23 14.01 -20.52
C LEU A 115 25.61 14.89 -19.34
N PHE A 116 24.65 15.20 -18.47
CA PHE A 116 24.93 16.09 -17.35
C PHE A 116 24.85 15.37 -16.02
N ILE A 117 23.99 14.36 -15.96
CA ILE A 117 23.92 13.44 -14.82
C ILE A 117 24.10 12.04 -15.38
N THR A 118 25.17 11.36 -14.98
CA THR A 118 25.38 10.03 -15.54
C THR A 118 24.81 9.00 -14.57
N PRO A 119 24.02 8.04 -15.10
CA PRO A 119 23.49 6.92 -14.31
C PRO A 119 24.59 6.15 -13.56
N VAL A 120 24.25 5.62 -12.39
CA VAL A 120 25.23 4.91 -11.56
C VAL A 120 24.63 3.62 -11.03
N ASP A 121 25.31 2.52 -11.27
CA ASP A 121 24.99 1.24 -10.63
C ASP A 121 25.56 1.20 -9.20
N SER A 122 25.50 0.01 -8.59
CA SER A 122 25.93 -0.17 -7.22
C SER A 122 27.44 -0.34 -7.06
N GLY A 123 28.10 -0.85 -8.10
CA GLY A 123 29.55 -1.01 -8.11
C GLY A 123 29.95 -2.44 -7.82
N PHE A 124 29.02 -3.36 -8.05
CA PHE A 124 29.29 -4.78 -7.93
C PHE A 124 28.89 -5.39 -9.27
N PRO A 125 29.87 -5.50 -10.19
CA PRO A 125 29.59 -6.08 -11.53
C PRO A 125 29.50 -7.61 -11.47
N GLY A 126 28.76 -8.18 -12.42
CA GLY A 126 28.72 -9.63 -12.59
C GLY A 126 28.06 -10.32 -11.43
N ILE A 127 28.46 -11.56 -11.19
CA ILE A 127 27.84 -12.36 -10.16
C ILE A 127 28.66 -12.30 -8.86
N HIS A 128 28.13 -11.60 -7.86
CA HIS A 128 28.79 -11.46 -6.57
C HIS A 128 29.04 -12.83 -5.90
N PRO A 129 30.19 -13.00 -5.20
CA PRO A 129 30.43 -14.25 -4.46
C PRO A 129 29.31 -14.60 -3.49
N THR A 130 28.69 -13.59 -2.89
CA THR A 130 27.72 -13.88 -1.81
C THR A 130 26.36 -14.34 -2.35
N ALA A 131 26.12 -14.13 -3.63
CA ALA A 131 24.90 -14.63 -4.24
C ALA A 131 24.86 -16.15 -4.08
N VAL A 132 23.69 -16.67 -3.74
CA VAL A 132 23.50 -18.11 -3.56
C VAL A 132 22.66 -18.67 -4.70
N ILE A 133 23.21 -19.65 -5.41
CA ILE A 133 22.59 -20.17 -6.61
C ILE A 133 22.48 -21.69 -6.55
N HIS A 134 21.26 -22.17 -6.39
CA HIS A 134 21.02 -23.59 -6.42
C HIS A 134 21.67 -24.24 -7.67
N PRO A 135 22.46 -25.31 -7.46
CA PRO A 135 23.05 -26.11 -8.56
C PRO A 135 22.11 -26.34 -9.75
N THR A 136 20.83 -26.62 -9.49
CA THR A 136 19.88 -26.92 -10.55
C THR A 136 19.39 -25.71 -11.38
N ALA A 137 19.80 -24.52 -11.00
CA ALA A 137 19.35 -23.32 -11.70
C ALA A 137 20.34 -22.89 -12.77
N ILE A 138 19.82 -22.36 -13.87
CA ILE A 138 20.65 -22.02 -15.01
C ILE A 138 20.78 -20.51 -15.20
N ILE A 139 22.01 -20.03 -15.06
CA ILE A 139 22.33 -18.62 -15.18
C ILE A 139 23.01 -18.38 -16.49
N GLU A 140 22.40 -17.56 -17.34
CA GLU A 140 22.95 -17.25 -18.66
C GLU A 140 24.16 -16.33 -18.58
N ASP A 141 24.63 -15.88 -19.74
CA ASP A 141 25.84 -15.10 -19.82
C ASP A 141 25.60 -13.63 -19.56
N HIS A 142 26.64 -12.97 -19.06
CA HIS A 142 26.66 -11.52 -18.85
C HIS A 142 25.63 -11.05 -17.81
N VAL A 143 25.33 -11.89 -16.82
CA VAL A 143 24.36 -11.48 -15.79
C VAL A 143 25.01 -10.86 -14.56
N CYS A 144 24.35 -9.83 -14.06
CA CYS A 144 24.73 -9.18 -12.82
C CYS A 144 23.83 -9.63 -11.65
N ILE A 145 24.39 -10.40 -10.72
CA ILE A 145 23.64 -10.82 -9.53
C ILE A 145 24.34 -10.25 -8.30
N GLU A 146 23.66 -9.33 -7.62
CA GLU A 146 24.26 -8.55 -6.53
C GLU A 146 24.37 -9.30 -5.17
N PRO A 147 25.10 -8.72 -4.20
CA PRO A 147 25.29 -9.36 -2.90
C PRO A 147 24.01 -9.86 -2.20
N TYR A 148 24.06 -11.09 -1.71
CA TYR A 148 23.05 -11.69 -0.83
C TYR A 148 21.72 -12.03 -1.48
N ALA A 149 21.72 -12.10 -2.81
CA ALA A 149 20.53 -12.46 -3.55
C ALA A 149 20.49 -13.97 -3.67
N VAL A 150 19.28 -14.54 -3.76
CA VAL A 150 19.10 -15.99 -3.77
C VAL A 150 18.35 -16.44 -5.01
N VAL A 151 18.90 -17.43 -5.70
CA VAL A 151 18.26 -17.98 -6.87
C VAL A 151 17.95 -19.43 -6.56
N CYS A 152 16.68 -19.76 -6.58
CA CYS A 152 16.19 -21.04 -6.11
C CYS A 152 16.19 -22.13 -7.19
N GLN A 153 15.69 -23.31 -6.82
CA GLN A 153 15.82 -24.48 -7.66
C GLN A 153 15.14 -24.29 -9.01
N HIS A 154 15.74 -24.93 -10.01
CA HIS A 154 15.29 -24.91 -11.38
C HIS A 154 14.85 -23.53 -11.89
N ALA A 155 15.40 -22.47 -11.29
CA ALA A 155 15.18 -21.12 -11.81
C ALA A 155 16.01 -20.85 -13.06
N HIS A 156 15.61 -19.87 -13.85
CA HIS A 156 16.31 -19.56 -15.09
C HIS A 156 16.44 -18.07 -15.23
N VAL A 157 17.67 -17.57 -15.19
CA VAL A 157 17.88 -16.13 -15.37
C VAL A 157 18.49 -15.90 -16.77
N GLY A 158 17.81 -15.09 -17.58
CA GLY A 158 18.21 -14.89 -18.97
C GLY A 158 19.45 -14.02 -19.10
N SER A 159 19.99 -13.94 -20.32
CA SER A 159 21.20 -13.16 -20.60
C SER A 159 21.04 -11.65 -20.38
N ALA A 160 22.10 -11.02 -19.86
CA ALA A 160 22.12 -9.60 -19.52
C ALA A 160 21.05 -9.16 -18.51
N CYS A 161 20.84 -9.92 -17.45
CA CYS A 161 19.88 -9.51 -16.43
C CYS A 161 20.59 -8.84 -15.26
N HIS A 162 19.84 -8.10 -14.46
CA HIS A 162 20.36 -7.58 -13.20
C HIS A 162 19.45 -8.09 -12.08
N ILE A 163 20.01 -8.91 -11.19
CA ILE A 163 19.31 -9.32 -10.00
C ILE A 163 19.85 -8.53 -8.83
N GLY A 164 19.05 -7.55 -8.40
CA GLY A 164 19.35 -6.66 -7.30
C GLY A 164 19.73 -7.36 -6.01
N SER A 165 20.52 -6.62 -5.22
CA SER A 165 21.04 -7.10 -3.96
C SER A 165 19.90 -7.62 -3.08
N GLY A 166 20.05 -8.83 -2.57
CA GLY A 166 19.05 -9.38 -1.66
C GLY A 166 17.71 -9.85 -2.25
N SER A 167 17.46 -9.60 -3.53
CA SER A 167 16.26 -10.11 -4.21
C SER A 167 16.21 -11.63 -4.20
N VAL A 168 15.07 -12.22 -4.58
CA VAL A 168 14.93 -13.68 -4.53
C VAL A 168 14.22 -14.16 -5.78
N ILE A 169 14.84 -15.10 -6.48
CA ILE A 169 14.22 -15.68 -7.65
C ILE A 169 13.73 -17.08 -7.27
N GLY A 170 12.41 -17.26 -7.21
CA GLY A 170 11.83 -18.46 -6.65
C GLY A 170 11.92 -19.71 -7.48
N ALA A 171 11.66 -20.85 -6.84
CA ALA A 171 11.71 -22.12 -7.48
C ALA A 171 10.97 -22.13 -8.82
N TYR A 172 11.68 -22.53 -9.88
CA TYR A 172 11.07 -22.71 -11.23
C TYR A 172 10.68 -21.45 -11.98
N SER A 173 11.05 -20.31 -11.43
CA SER A 173 10.69 -19.05 -12.04
C SER A 173 11.66 -18.67 -13.14
N THR A 174 11.19 -17.89 -14.10
CA THR A 174 12.06 -17.50 -15.21
C THR A 174 12.06 -16.00 -15.43
N VAL A 175 13.25 -15.46 -15.71
CA VAL A 175 13.44 -14.04 -15.98
C VAL A 175 13.97 -13.87 -17.41
N GLY A 176 13.23 -13.13 -18.24
CA GLY A 176 13.65 -12.90 -19.63
C GLY A 176 14.85 -11.99 -19.69
N GLU A 177 15.49 -11.96 -20.86
CA GLU A 177 16.72 -11.21 -21.03
C GLU A 177 16.55 -9.70 -20.88
N HIS A 178 17.59 -9.04 -20.40
CA HIS A 178 17.58 -7.59 -20.22
C HIS A 178 16.57 -7.09 -19.18
N SER A 179 16.06 -8.01 -18.35
CA SER A 179 15.26 -7.58 -17.22
C SER A 179 16.11 -6.94 -16.12
N TYR A 180 15.59 -5.90 -15.50
CA TYR A 180 16.24 -5.28 -14.36
C TYR A 180 15.42 -5.51 -13.09
N ILE A 181 15.88 -6.42 -12.24
CA ILE A 181 15.26 -6.60 -10.96
C ILE A 181 16.03 -5.86 -9.90
N HIS A 182 15.41 -4.84 -9.31
CA HIS A 182 16.03 -4.09 -8.23
C HIS A 182 16.14 -4.88 -6.94
N PRO A 183 16.80 -4.30 -5.92
CA PRO A 183 17.13 -5.01 -4.68
C PRO A 183 15.90 -5.37 -3.88
N ARG A 184 16.03 -6.42 -3.07
CA ARG A 184 15.01 -6.80 -2.07
C ARG A 184 13.60 -6.95 -2.69
N VAL A 185 13.55 -7.62 -3.85
CA VAL A 185 12.32 -8.00 -4.54
C VAL A 185 12.10 -9.50 -4.31
N VAL A 186 10.86 -9.92 -4.11
CA VAL A 186 10.62 -11.35 -3.96
C VAL A 186 9.81 -11.82 -5.16
N ILE A 187 10.45 -12.66 -5.95
CA ILE A 187 9.74 -13.37 -6.97
C ILE A 187 9.54 -14.74 -6.40
N ARG A 188 8.28 -15.11 -6.16
CA ARG A 188 7.98 -16.42 -5.59
C ARG A 188 8.15 -17.50 -6.66
N GLU A 189 7.79 -18.72 -6.30
CA GLU A 189 7.89 -19.87 -7.18
C GLU A 189 6.96 -19.77 -8.38
N ARG A 190 7.32 -20.48 -9.46
CA ARG A 190 6.54 -20.59 -10.68
C ARG A 190 6.07 -19.25 -11.25
N VAL A 191 6.96 -18.29 -11.32
CA VAL A 191 6.62 -17.01 -11.91
C VAL A 191 7.41 -16.83 -13.21
N SER A 192 6.74 -16.36 -14.25
CA SER A 192 7.35 -16.17 -15.55
C SER A 192 7.50 -14.66 -15.83
N ILE A 193 8.74 -14.20 -15.93
CA ILE A 193 9.02 -12.79 -16.26
C ILE A 193 9.65 -12.76 -17.63
N GLY A 194 9.15 -11.89 -18.50
CA GLY A 194 9.68 -11.78 -19.85
C GLY A 194 10.91 -10.89 -20.01
N LYS A 195 11.16 -10.48 -21.25
CA LYS A 195 12.33 -9.70 -21.60
C LYS A 195 12.10 -8.23 -21.22
N ARG A 196 13.19 -7.52 -20.95
CA ARG A 196 13.13 -6.08 -20.67
C ARG A 196 12.13 -5.67 -19.58
N VAL A 197 11.95 -6.49 -18.55
CA VAL A 197 11.03 -6.08 -17.49
C VAL A 197 11.82 -5.36 -16.43
N ILE A 198 11.19 -4.34 -15.81
CA ILE A 198 11.77 -3.67 -14.66
C ILE A 198 10.87 -3.85 -13.43
N ILE A 199 11.49 -4.26 -12.33
CA ILE A 199 10.79 -4.44 -11.06
C ILE A 199 11.50 -3.65 -9.95
N GLN A 200 10.76 -2.72 -9.34
CA GLN A 200 11.33 -1.80 -8.35
C GLN A 200 11.58 -2.47 -7.02
N PRO A 201 12.26 -1.76 -6.12
CA PRO A 201 12.54 -2.34 -4.81
C PRO A 201 11.28 -2.80 -4.10
N GLY A 202 11.33 -4.00 -3.54
CA GLY A 202 10.38 -4.39 -2.52
C GLY A 202 9.11 -5.03 -3.01
N ALA A 203 8.95 -5.08 -4.33
CA ALA A 203 7.81 -5.72 -4.93
C ALA A 203 7.76 -7.20 -4.55
N VAL A 204 6.55 -7.78 -4.63
CA VAL A 204 6.31 -9.17 -4.31
C VAL A 204 5.49 -9.80 -5.44
N ILE A 205 6.11 -10.70 -6.21
CA ILE A 205 5.39 -11.30 -7.32
C ILE A 205 5.13 -12.77 -7.07
N GLY A 206 3.84 -13.15 -7.05
CA GLY A 206 3.41 -14.53 -6.79
C GLY A 206 3.15 -14.88 -5.33
N SER A 207 2.67 -13.93 -4.54
CA SER A 207 2.14 -14.21 -3.20
C SER A 207 0.78 -14.90 -3.36
N CYS A 208 0.24 -15.47 -2.29
CA CYS A 208 -0.98 -16.28 -2.37
C CYS A 208 -2.19 -15.43 -2.40
N GLY A 209 -3.15 -15.81 -3.26
CA GLY A 209 -4.44 -15.13 -3.36
C GLY A 209 -5.15 -15.11 -2.02
N PHE A 210 -6.10 -14.23 -1.88
CA PHE A 210 -6.93 -14.18 -0.70
C PHE A 210 -8.22 -14.99 -0.97
N GLY A 211 -8.09 -16.31 -0.86
CA GLY A 211 -9.16 -17.24 -1.22
C GLY A 211 -9.29 -18.28 -0.16
N TYR A 212 -10.47 -18.38 0.41
CA TYR A 212 -10.68 -19.24 1.55
C TYR A 212 -12.00 -19.99 1.41
N VAL A 213 -12.14 -21.14 2.08
CA VAL A 213 -13.48 -21.68 2.30
C VAL A 213 -13.92 -21.58 3.74
N THR A 214 -15.20 -21.29 3.89
CA THR A 214 -15.77 -20.98 5.18
C THR A 214 -16.55 -22.17 5.72
N SER A 215 -16.12 -22.64 6.89
CA SER A 215 -16.63 -23.85 7.51
C SER A 215 -16.68 -23.60 9.00
N ALA A 216 -17.33 -24.48 9.76
CA ALA A 216 -17.50 -24.36 11.24
C ALA A 216 -18.03 -22.99 11.70
N PHE A 217 -19.08 -22.54 11.02
CA PHE A 217 -19.75 -21.27 11.33
C PHE A 217 -18.74 -20.11 11.27
N GLY A 218 -18.20 -19.91 10.06
CA GLY A 218 -17.33 -18.77 9.75
C GLY A 218 -15.86 -18.88 10.13
N GLN A 219 -15.34 -20.09 10.19
CA GLN A 219 -13.90 -20.28 10.27
C GLN A 219 -13.37 -20.44 8.86
N HIS A 220 -12.17 -19.93 8.63
CA HIS A 220 -11.65 -19.76 7.28
C HIS A 220 -10.51 -20.69 7.01
N LYS A 221 -10.68 -21.56 6.03
CA LYS A 221 -9.61 -22.48 5.71
C LYS A 221 -8.84 -22.01 4.49
N HIS A 222 -7.53 -22.15 4.60
CA HIS A 222 -6.56 -21.82 3.59
C HIS A 222 -6.69 -22.73 2.36
N LEU A 223 -6.70 -22.12 1.17
CA LEU A 223 -6.70 -22.87 -0.09
C LEU A 223 -5.39 -22.67 -0.81
N LYS A 224 -4.57 -23.72 -0.91
CA LYS A 224 -3.30 -23.60 -1.63
C LYS A 224 -3.45 -23.01 -3.05
N HIS A 225 -2.78 -21.91 -3.30
CA HIS A 225 -2.81 -21.28 -4.59
C HIS A 225 -1.62 -21.76 -5.40
N LEU A 226 -1.93 -22.40 -6.54
CA LEU A 226 -0.92 -23.13 -7.30
C LEU A 226 -0.90 -22.74 -8.75
N GLY A 227 -1.62 -21.67 -9.07
CA GLY A 227 -1.50 -21.03 -10.38
C GLY A 227 -0.21 -20.24 -10.44
N LYS A 228 0.07 -19.63 -11.59
CA LYS A 228 1.32 -18.90 -11.77
C LYS A 228 1.01 -17.42 -11.79
N VAL A 229 2.05 -16.61 -12.00
CA VAL A 229 1.91 -15.24 -12.45
C VAL A 229 2.76 -15.11 -13.72
N ILE A 230 2.17 -14.52 -14.76
CA ILE A 230 2.89 -14.28 -16.02
C ILE A 230 3.06 -12.78 -16.17
N ILE A 231 4.32 -12.35 -16.34
CA ILE A 231 4.63 -10.97 -16.67
C ILE A 231 5.24 -10.90 -18.08
N GLU A 232 4.55 -10.22 -18.99
CA GLU A 232 5.04 -10.12 -20.35
C GLU A 232 6.14 -9.08 -20.50
N ASP A 233 6.73 -9.00 -21.69
CA ASP A 233 7.82 -8.07 -21.98
C ASP A 233 7.46 -6.59 -21.77
N ASP A 234 8.47 -5.80 -21.43
CA ASP A 234 8.39 -4.34 -21.34
C ASP A 234 7.39 -3.88 -20.30
N VAL A 235 7.04 -4.81 -19.39
CA VAL A 235 6.20 -4.48 -18.25
C VAL A 235 7.06 -3.90 -17.13
N GLU A 236 6.53 -2.90 -16.44
CA GLU A 236 7.17 -2.38 -15.26
C GLU A 236 6.26 -2.47 -14.05
N ILE A 237 6.85 -2.87 -12.92
CA ILE A 237 6.13 -3.09 -11.67
C ILE A 237 6.79 -2.23 -10.60
N GLY A 238 6.01 -1.38 -9.97
CA GLY A 238 6.55 -0.43 -9.00
C GLY A 238 6.91 -1.00 -7.63
N ALA A 239 7.36 -0.10 -6.76
CA ALA A 239 7.94 -0.44 -5.45
C ALA A 239 6.88 -0.92 -4.46
N ASN A 240 7.21 -1.95 -3.71
CA ASN A 240 6.32 -2.60 -2.75
C ASN A 240 4.94 -2.99 -3.27
N THR A 241 4.85 -3.23 -4.58
CA THR A 241 3.58 -3.58 -5.17
C THR A 241 3.46 -5.08 -5.03
N THR A 242 2.25 -5.57 -4.82
CA THR A 242 2.04 -7.00 -4.60
C THR A 242 1.14 -7.59 -5.67
N ILE A 243 1.58 -8.70 -6.25
CA ILE A 243 0.86 -9.36 -7.31
C ILE A 243 0.69 -10.82 -6.97
N ASP A 244 -0.54 -11.18 -6.58
CA ASP A 244 -0.87 -12.52 -6.11
C ASP A 244 -1.00 -13.50 -7.27
N ARG A 245 -0.74 -14.77 -7.02
CA ARG A 245 -0.96 -15.84 -7.99
C ARG A 245 -2.39 -16.34 -7.96
N GLY A 246 -2.86 -16.84 -9.10
CA GLY A 246 -4.18 -17.48 -9.20
C GLY A 246 -4.30 -18.75 -8.36
N ARG A 247 -5.52 -19.27 -8.26
CA ARG A 247 -5.73 -20.49 -7.50
C ARG A 247 -5.20 -21.68 -8.32
N PHE A 248 -5.53 -21.70 -9.61
CA PHE A 248 -5.06 -22.73 -10.50
C PHE A 248 -4.77 -22.09 -11.86
N LYS A 249 -5.53 -21.03 -12.17
CA LYS A 249 -5.32 -20.22 -13.35
C LYS A 249 -4.22 -19.20 -13.03
N HIS A 250 -4.01 -18.23 -13.90
CA HIS A 250 -2.85 -17.35 -13.77
C HIS A 250 -3.19 -15.87 -13.67
N SER A 251 -2.35 -15.16 -12.94
CA SER A 251 -2.38 -13.72 -12.98
C SER A 251 -1.45 -13.31 -14.09
N VAL A 252 -1.91 -12.36 -14.92
CA VAL A 252 -1.20 -11.98 -16.11
C VAL A 252 -1.21 -10.46 -16.28
N VAL A 253 0.00 -9.90 -16.39
CA VAL A 253 0.21 -8.54 -16.85
C VAL A 253 0.84 -8.56 -18.28
N ARG A 254 0.06 -8.10 -19.25
CA ARG A 254 0.47 -8.11 -20.65
C ARG A 254 1.51 -7.03 -21.05
N GLU A 255 2.14 -7.29 -22.19
CA GLU A 255 3.13 -6.44 -22.84
C GLU A 255 3.02 -4.94 -22.57
N GLY A 256 4.12 -4.32 -22.17
CA GLY A 256 4.21 -2.86 -22.12
C GLY A 256 3.35 -2.12 -21.10
N SER A 257 2.71 -2.87 -20.20
CA SER A 257 1.97 -2.23 -19.12
C SER A 257 2.87 -1.78 -17.98
N LYS A 258 2.50 -0.69 -17.35
CA LYS A 258 3.33 -0.10 -16.34
C LYS A 258 2.52 0.02 -15.05
N ILE A 259 3.07 -0.55 -13.98
CA ILE A 259 2.37 -0.56 -12.71
C ILE A 259 3.17 0.18 -11.67
N ASP A 260 2.50 1.09 -10.98
CA ASP A 260 3.11 1.99 -10.03
C ASP A 260 3.46 1.27 -8.72
N ASN A 261 3.54 2.06 -7.64
CA ASN A 261 3.90 1.57 -6.32
C ASN A 261 2.69 1.25 -5.50
N LEU A 262 2.89 0.42 -4.48
CA LEU A 262 1.85 0.05 -3.55
C LEU A 262 0.53 -0.28 -4.27
N VAL A 263 0.59 -1.05 -5.33
CA VAL A 263 -0.60 -1.48 -6.02
C VAL A 263 -0.91 -2.91 -5.59
N GLN A 264 -2.20 -3.26 -5.56
CA GLN A 264 -2.61 -4.64 -5.28
C GLN A 264 -3.17 -5.30 -6.52
N ILE A 265 -2.51 -6.34 -7.00
CA ILE A 265 -3.10 -7.23 -8.01
C ILE A 265 -3.51 -8.53 -7.33
N ALA A 266 -4.82 -8.77 -7.33
CA ALA A 266 -5.42 -9.91 -6.65
C ALA A 266 -5.39 -11.15 -7.53
N HIS A 267 -5.69 -12.31 -6.93
CA HIS A 267 -5.51 -13.59 -7.59
C HIS A 267 -6.16 -13.63 -8.97
N GLN A 268 -5.38 -14.11 -9.94
CA GLN A 268 -5.79 -14.35 -11.33
C GLN A 268 -6.47 -13.18 -12.07
N VAL A 269 -6.08 -11.96 -11.71
CA VAL A 269 -6.38 -10.73 -12.46
C VAL A 269 -5.56 -10.72 -13.76
N GLU A 270 -6.19 -10.31 -14.86
CA GLU A 270 -5.52 -10.17 -16.15
C GLU A 270 -5.52 -8.72 -16.57
N VAL A 271 -4.33 -8.15 -16.78
CA VAL A 271 -4.20 -6.75 -17.24
C VAL A 271 -3.71 -6.72 -18.67
N GLY A 272 -4.38 -5.93 -19.52
CA GLY A 272 -4.07 -5.85 -20.95
C GLY A 272 -2.68 -5.32 -21.28
N GLN A 273 -2.48 -4.96 -22.54
CA GLN A 273 -1.21 -4.38 -22.95
C GLN A 273 -1.27 -2.88 -22.85
N HIS A 274 -0.12 -2.26 -22.63
CA HIS A 274 0.01 -0.81 -22.62
C HIS A 274 -1.09 -0.20 -21.78
N SER A 275 -1.30 -0.76 -20.60
CA SER A 275 -2.23 -0.18 -19.66
C SER A 275 -1.40 0.33 -18.53
N MET A 276 -1.97 1.24 -17.74
CA MET A 276 -1.28 1.86 -16.66
C MET A 276 -2.08 1.80 -15.37
N ILE A 277 -1.48 1.28 -14.32
CA ILE A 277 -2.07 1.34 -12.99
C ILE A 277 -1.25 2.28 -12.08
N VAL A 278 -1.90 3.35 -11.63
CA VAL A 278 -1.24 4.36 -10.83
C VAL A 278 -1.22 3.90 -9.37
N ALA A 279 -0.42 4.59 -8.56
CA ALA A 279 -0.07 4.10 -7.24
C ALA A 279 -1.30 3.83 -6.40
N GLN A 280 -1.20 2.82 -5.55
CA GLN A 280 -2.18 2.61 -4.50
C GLN A 280 -3.52 2.14 -4.99
N ALA A 281 -3.67 1.94 -6.29
CA ALA A 281 -4.90 1.35 -6.78
C ALA A 281 -4.91 -0.15 -6.49
N GLY A 282 -6.05 -0.78 -6.77
CA GLY A 282 -6.22 -2.20 -6.45
C GLY A 282 -7.34 -2.83 -7.26
N ILE A 283 -7.06 -4.01 -7.81
CA ILE A 283 -8.03 -4.74 -8.57
C ILE A 283 -8.26 -5.99 -7.76
N ALA A 284 -9.53 -6.30 -7.48
CA ALA A 284 -9.88 -7.52 -6.73
C ALA A 284 -9.91 -8.72 -7.67
N GLY A 285 -10.00 -9.91 -7.06
CA GLY A 285 -9.79 -11.17 -7.76
C GLY A 285 -10.59 -11.44 -9.01
N SER A 286 -9.92 -11.99 -10.01
CA SER A 286 -10.53 -12.55 -11.22
C SER A 286 -11.14 -11.54 -12.16
N THR A 287 -10.57 -10.33 -12.17
CA THR A 287 -11.08 -9.24 -13.00
C THR A 287 -10.19 -9.06 -14.24
N LYS A 288 -10.82 -8.87 -15.40
CA LYS A 288 -10.13 -8.57 -16.67
C LYS A 288 -10.00 -7.06 -16.89
N ILE A 289 -8.81 -6.62 -17.29
CA ILE A 289 -8.61 -5.22 -17.61
C ILE A 289 -7.99 -5.23 -18.97
N GLY A 290 -8.62 -4.52 -19.90
CA GLY A 290 -8.16 -4.56 -21.28
C GLY A 290 -6.97 -3.65 -21.59
N ASN A 291 -6.61 -3.62 -22.87
CA ASN A 291 -5.50 -2.80 -23.38
C ASN A 291 -5.77 -1.30 -23.28
N HIS A 292 -4.71 -0.49 -23.21
CA HIS A 292 -4.78 1.00 -23.26
C HIS A 292 -5.69 1.59 -22.21
N VAL A 293 -5.81 0.87 -21.11
CA VAL A 293 -6.57 1.31 -19.95
C VAL A 293 -5.65 2.08 -18.99
N ILE A 294 -6.22 3.06 -18.30
CA ILE A 294 -5.53 3.77 -17.23
C ILE A 294 -6.39 3.79 -15.97
N ILE A 295 -5.82 3.23 -14.89
CA ILE A 295 -6.43 3.25 -13.56
C ILE A 295 -5.73 4.28 -12.68
N GLY A 296 -6.42 5.39 -12.43
CA GLY A 296 -5.85 6.49 -11.65
C GLY A 296 -5.63 6.08 -10.21
N GLY A 297 -4.85 6.88 -9.48
CA GLY A 297 -4.39 6.51 -8.14
C GLY A 297 -5.48 6.19 -7.13
N GLN A 298 -5.17 5.26 -6.22
CA GLN A 298 -6.04 4.97 -5.06
C GLN A 298 -7.45 4.54 -5.44
N ALA A 299 -7.57 3.80 -6.55
CA ALA A 299 -8.85 3.38 -7.09
C ALA A 299 -9.04 1.92 -6.70
N GLY A 300 -10.27 1.45 -6.76
CA GLY A 300 -10.56 0.05 -6.48
C GLY A 300 -11.50 -0.53 -7.51
N ILE A 301 -11.25 -1.77 -7.89
CA ILE A 301 -12.08 -2.47 -8.85
C ILE A 301 -12.45 -3.84 -8.26
N THR A 302 -13.74 -4.16 -8.15
CA THR A 302 -14.16 -5.43 -7.56
C THR A 302 -13.80 -6.58 -8.44
N GLY A 303 -13.96 -7.77 -7.89
CA GLY A 303 -13.62 -9.01 -8.58
C GLY A 303 -14.68 -9.39 -9.59
N HIS A 304 -14.32 -10.32 -10.45
CA HIS A 304 -15.25 -10.86 -11.46
C HIS A 304 -15.91 -9.83 -12.38
N ILE A 305 -15.17 -8.83 -12.83
CA ILE A 305 -15.70 -7.91 -13.84
C ILE A 305 -14.74 -7.68 -15.03
N CYS A 306 -15.16 -6.86 -15.98
CA CYS A 306 -14.33 -6.53 -17.13
C CYS A 306 -14.31 -5.04 -17.37
N ILE A 307 -13.14 -4.56 -17.79
CA ILE A 307 -12.96 -3.19 -18.24
C ILE A 307 -12.53 -3.26 -19.70
N ALA A 308 -13.39 -2.78 -20.59
CA ALA A 308 -13.09 -2.73 -22.03
C ALA A 308 -11.83 -1.90 -22.31
N ASP A 309 -11.30 -2.06 -23.52
CA ASP A 309 -10.16 -1.26 -23.96
C ASP A 309 -10.41 0.24 -23.86
N HIS A 310 -9.34 1.00 -23.67
CA HIS A 310 -9.34 2.48 -23.75
C HIS A 310 -10.17 3.20 -22.69
N VAL A 311 -10.30 2.57 -21.52
CA VAL A 311 -11.01 3.18 -20.40
C VAL A 311 -10.04 3.89 -19.46
N ILE A 312 -10.45 5.08 -19.00
CA ILE A 312 -9.70 5.84 -18.02
C ILE A 312 -10.53 6.03 -16.75
N MET A 313 -10.01 5.55 -15.63
CA MET A 313 -10.67 5.72 -14.34
C MET A 313 -9.89 6.72 -13.51
N MET A 314 -10.57 7.77 -13.07
CA MET A 314 -9.92 8.79 -12.26
C MET A 314 -9.47 8.29 -10.89
N ALA A 315 -8.55 9.01 -10.27
CA ALA A 315 -8.11 8.66 -8.93
C ALA A 315 -9.35 8.47 -8.05
N GLN A 316 -9.25 7.52 -7.13
CA GLN A 316 -10.26 7.30 -6.08
C GLN A 316 -11.61 6.78 -6.58
N THR A 317 -11.61 6.35 -7.82
CA THR A 317 -12.74 5.63 -8.40
C THR A 317 -12.93 4.33 -7.68
N GLY A 318 -14.19 3.94 -7.50
CA GLY A 318 -14.55 2.65 -6.92
C GLY A 318 -15.47 1.97 -7.91
N VAL A 319 -14.94 1.02 -8.66
CA VAL A 319 -15.69 0.41 -9.74
C VAL A 319 -16.37 -0.86 -9.24
N THR A 320 -17.69 -0.91 -9.43
CA THR A 320 -18.55 -1.95 -8.88
C THR A 320 -19.09 -2.94 -9.91
N LYS A 321 -19.13 -2.52 -11.17
CA LYS A 321 -19.65 -3.37 -12.24
C LYS A 321 -18.78 -3.18 -13.48
N SER A 322 -18.94 -4.05 -14.48
CA SER A 322 -18.17 -3.93 -15.70
C SER A 322 -18.32 -2.58 -16.40
N ILE A 323 -17.28 -2.20 -17.13
CA ILE A 323 -17.36 -1.08 -18.04
C ILE A 323 -17.13 -1.65 -19.43
N THR A 324 -18.08 -1.39 -20.32
CA THR A 324 -18.08 -2.02 -21.63
C THR A 324 -17.72 -1.07 -22.77
N SER A 325 -17.79 0.24 -22.51
CA SER A 325 -17.40 1.25 -23.51
C SER A 325 -16.33 2.23 -23.00
N PRO A 326 -15.45 2.72 -23.92
CA PRO A 326 -14.32 3.59 -23.58
C PRO A 326 -14.74 4.95 -23.05
N GLY A 327 -13.76 5.74 -22.60
CA GLY A 327 -14.04 7.06 -22.03
C GLY A 327 -13.61 7.20 -20.58
N ILE A 328 -13.81 8.38 -20.03
CA ILE A 328 -13.39 8.72 -18.66
C ILE A 328 -14.46 8.36 -17.65
N TYR A 329 -14.05 7.79 -16.52
CA TYR A 329 -14.99 7.43 -15.46
C TYR A 329 -14.47 7.87 -14.12
N GLY A 330 -15.38 8.16 -13.19
CA GLY A 330 -14.97 8.53 -11.83
C GLY A 330 -16.02 8.26 -10.78
N GLY A 331 -15.74 8.67 -9.55
CA GLY A 331 -16.65 8.44 -8.42
C GLY A 331 -16.72 7.01 -7.91
N ALA A 332 -17.50 6.83 -6.84
CA ALA A 332 -17.67 5.54 -6.19
C ALA A 332 -19.10 5.46 -5.68
N PRO A 333 -19.96 4.70 -6.37
CA PRO A 333 -19.58 3.83 -7.49
C PRO A 333 -19.22 4.65 -8.71
N ALA A 334 -18.38 4.06 -9.56
CA ALA A 334 -17.98 4.64 -10.83
C ALA A 334 -19.19 4.81 -11.72
N ARG A 335 -19.24 5.97 -12.39
CA ARG A 335 -20.20 6.26 -13.44
C ARG A 335 -19.42 6.94 -14.58
N PRO A 336 -19.99 7.03 -15.81
CA PRO A 336 -19.33 7.87 -16.82
C PRO A 336 -19.08 9.25 -16.27
N TYR A 337 -18.07 9.93 -16.77
CA TYR A 337 -17.62 11.18 -16.17
C TYR A 337 -18.70 12.25 -16.15
N GLN A 338 -19.38 12.42 -17.27
CA GLN A 338 -20.48 13.37 -17.39
C GLN A 338 -21.37 13.31 -16.16
N GLU A 339 -21.76 12.08 -15.81
CA GLU A 339 -22.61 11.77 -14.66
C GLU A 339 -22.12 12.27 -13.30
N ILE A 340 -20.90 11.92 -12.89
CA ILE A 340 -20.43 12.31 -11.55
C ILE A 340 -20.14 13.80 -11.50
N HIS A 341 -19.97 14.38 -12.69
CA HIS A 341 -19.78 15.82 -12.77
C HIS A 341 -21.09 16.56 -12.46
N ARG A 342 -22.20 16.14 -13.08
CA ARG A 342 -23.54 16.67 -12.72
C ARG A 342 -23.87 16.39 -11.25
N GLN A 343 -23.58 15.17 -10.79
CA GLN A 343 -23.83 14.77 -9.40
C GLN A 343 -23.12 15.70 -8.42
N VAL A 344 -21.81 15.83 -8.52
CA VAL A 344 -21.10 16.72 -7.63
C VAL A 344 -21.78 18.10 -7.61
N ALA A 345 -22.25 18.53 -8.77
CA ALA A 345 -22.84 19.84 -8.93
C ALA A 345 -24.20 19.94 -8.26
N LYS A 346 -25.06 18.94 -8.49
CA LYS A 346 -26.40 18.95 -7.91
C LYS A 346 -26.33 18.80 -6.40
N VAL A 347 -25.40 17.97 -5.94
CA VAL A 347 -25.10 17.85 -4.53
C VAL A 347 -24.67 19.22 -3.94
N ARG A 348 -23.69 19.86 -4.58
CA ARG A 348 -23.20 21.15 -4.14
C ARG A 348 -24.33 22.21 -4.15
N ASN A 349 -25.23 22.11 -5.12
CA ASN A 349 -26.37 23.01 -5.27
C ASN A 349 -27.56 22.66 -4.35
N LEU A 350 -27.34 21.81 -3.35
CA LEU A 350 -28.42 21.40 -2.43
C LEU A 350 -29.03 22.53 -1.61
N PRO A 351 -28.19 23.41 -1.00
CA PRO A 351 -28.79 24.54 -0.29
C PRO A 351 -29.60 25.46 -1.22
N ARG A 352 -29.02 25.78 -2.39
CA ARG A 352 -29.67 26.66 -3.36
C ARG A 352 -30.92 26.01 -3.96
N LEU A 353 -31.08 24.71 -3.74
CA LEU A 353 -32.27 23.98 -4.16
C LEU A 353 -33.27 23.92 -3.03
N GLU A 354 -32.76 23.99 -1.81
CA GLU A 354 -33.60 24.02 -0.62
C GLU A 354 -34.13 25.43 -0.38
N GLU A 355 -33.35 26.43 -0.78
CA GLU A 355 -33.74 27.85 -0.70
C GLU A 355 -34.99 28.06 -1.55
N ARG A 356 -35.06 27.30 -2.64
CA ARG A 356 -36.18 27.30 -3.58
C ARG A 356 -37.45 26.63 -3.04
N ILE A 357 -37.36 25.99 -1.87
CA ILE A 357 -38.55 25.51 -1.18
C ILE A 357 -38.82 26.37 0.08
N ALA A 358 -37.85 27.21 0.41
CA ALA A 358 -38.03 28.25 1.42
C ALA A 358 -38.89 29.39 0.86
N ALA A 359 -38.92 29.48 -0.47
CA ALA A 359 -39.75 30.44 -1.21
C ALA A 359 -41.02 29.80 -1.75
N LEU A 360 -40.87 28.61 -2.34
CA LEU A 360 -42.03 27.88 -2.91
C LEU A 360 -42.80 27.08 -1.85
N GLU A 361 -42.73 27.54 -0.60
CA GLU A 361 -43.63 27.10 0.45
C GLU A 361 -44.28 28.27 1.18
N LYS A 362 -43.74 29.48 0.98
CA LYS A 362 -44.39 30.70 1.45
C LYS A 362 -45.69 30.92 0.68
N LEU A 363 -45.68 30.61 -0.62
CA LEU A 363 -46.88 30.64 -1.43
C LEU A 363 -47.79 29.44 -1.09
N VAL A 364 -48.51 29.58 0.03
CA VAL A 364 -49.41 28.55 0.56
C VAL A 364 -50.75 29.18 0.96
N GLN A 365 -51.20 30.13 0.13
CA GLN A 365 -52.34 30.99 0.44
C GLN A 365 -53.66 30.20 0.51
N LYS A 366 -54.61 30.72 1.31
CA LYS A 366 -55.89 30.07 1.65
C LYS A 366 -55.68 28.71 2.33
N MET B 21 6.18 -31.28 -12.53
CA MET B 21 6.78 -32.26 -13.49
C MET B 21 5.74 -32.91 -14.46
N SER B 22 4.58 -33.31 -13.91
CA SER B 22 3.55 -34.10 -14.61
C SER B 22 2.85 -33.41 -15.78
N GLN B 23 2.18 -34.21 -16.59
CA GLN B 23 1.10 -33.73 -17.47
C GLN B 23 -0.01 -34.80 -17.48
N SER B 24 -0.52 -35.12 -16.30
CA SER B 24 -1.33 -36.32 -16.07
C SER B 24 -2.79 -36.27 -16.54
N THR B 25 -3.29 -37.43 -17.01
CA THR B 25 -4.72 -37.65 -17.25
C THR B 25 -5.24 -38.80 -16.36
N TYR B 26 -6.45 -38.65 -15.80
CA TYR B 26 -7.10 -39.76 -15.09
C TYR B 26 -8.52 -39.96 -15.56
N SER B 27 -9.07 -41.14 -15.30
CA SER B 27 -10.46 -41.42 -15.69
C SER B 27 -11.40 -40.88 -14.63
N LEU B 28 -12.61 -40.51 -15.04
CA LEU B 28 -13.61 -40.03 -14.10
C LEU B 28 -13.67 -40.97 -12.89
N GLU B 29 -13.88 -42.26 -13.16
CA GLU B 29 -13.90 -43.31 -12.13
C GLU B 29 -12.65 -43.33 -11.24
N GLN B 30 -11.48 -43.18 -11.84
CA GLN B 30 -10.25 -43.12 -11.07
C GLN B 30 -10.29 -41.97 -10.07
N LEU B 31 -10.73 -40.81 -10.54
CA LEU B 31 -10.82 -39.62 -9.74
C LEU B 31 -11.77 -39.82 -8.56
N ALA B 32 -12.93 -40.43 -8.83
CA ALA B 32 -13.93 -40.76 -7.82
C ALA B 32 -13.37 -41.63 -6.70
N ASP B 33 -12.71 -42.72 -7.09
CA ASP B 33 -12.10 -43.62 -6.12
C ASP B 33 -11.04 -42.90 -5.34
N PHE B 34 -10.32 -42.00 -5.99
CA PHE B 34 -9.33 -41.22 -5.30
C PHE B 34 -10.04 -40.38 -4.24
N LEU B 35 -11.00 -39.58 -4.71
CA LEU B 35 -11.79 -38.66 -3.87
C LEU B 35 -12.69 -39.38 -2.86
N LYS B 36 -12.78 -40.71 -2.99
CA LYS B 36 -13.68 -41.53 -2.18
C LYS B 36 -15.10 -40.99 -2.33
N VAL B 37 -15.61 -40.89 -3.57
CA VAL B 37 -16.86 -40.17 -3.84
C VAL B 37 -17.70 -40.79 -4.97
N GLU B 38 -19.03 -40.68 -4.83
CA GLU B 38 -19.98 -41.21 -5.80
C GLU B 38 -19.99 -40.44 -7.12
N PHE B 39 -20.35 -41.11 -8.20
CA PHE B 39 -20.30 -40.45 -9.49
C PHE B 39 -21.34 -41.01 -10.45
N GLN B 40 -21.76 -40.21 -11.40
CA GLN B 40 -22.65 -40.69 -12.42
C GLN B 40 -22.16 -40.15 -13.75
N GLY B 41 -22.35 -40.94 -14.80
CA GLY B 41 -21.78 -40.62 -16.11
C GLY B 41 -20.63 -41.56 -16.43
N ASN B 42 -20.12 -41.44 -17.65
CA ASN B 42 -19.06 -42.30 -18.16
C ASN B 42 -17.82 -42.48 -17.25
N GLY B 43 -17.63 -43.67 -16.69
CA GLY B 43 -16.48 -43.93 -15.82
C GLY B 43 -15.15 -43.70 -16.52
N ALA B 44 -15.17 -43.80 -17.84
CA ALA B 44 -13.97 -43.79 -18.67
C ALA B 44 -13.63 -42.41 -19.23
N THR B 45 -14.42 -41.39 -18.89
CA THR B 45 -14.11 -40.03 -19.34
C THR B 45 -12.72 -39.63 -18.84
N LEU B 46 -11.93 -39.04 -19.74
CA LEU B 46 -10.54 -38.68 -19.49
C LEU B 46 -10.45 -37.23 -19.06
N LEU B 47 -9.71 -36.99 -17.97
CA LEU B 47 -9.61 -35.64 -17.41
C LEU B 47 -8.16 -35.20 -17.16
N SER B 48 -7.76 -34.12 -17.83
CA SER B 48 -6.36 -33.73 -17.82
C SER B 48 -6.06 -32.50 -16.95
N GLY B 49 -7.11 -31.82 -16.50
CA GLY B 49 -6.93 -30.77 -15.49
C GLY B 49 -8.19 -30.18 -14.88
N VAL B 50 -7.99 -29.09 -14.16
CA VAL B 50 -9.08 -28.32 -13.55
C VAL B 50 -9.26 -26.98 -14.26
N GLU B 51 -10.44 -26.39 -14.11
CA GLU B 51 -10.82 -25.16 -14.80
C GLU B 51 -12.09 -24.67 -14.13
N GLU B 52 -12.31 -23.36 -14.11
CA GLU B 52 -13.55 -22.80 -13.57
C GLU B 52 -14.73 -23.12 -14.50
N ILE B 53 -15.95 -23.06 -13.96
CA ILE B 53 -17.13 -23.64 -14.60
C ILE B 53 -17.54 -23.07 -15.98
N GLU B 54 -17.53 -21.74 -16.11
CA GLU B 54 -17.80 -21.11 -17.41
C GLU B 54 -16.77 -21.50 -18.50
N GLU B 55 -15.48 -21.44 -18.18
CA GLU B 55 -14.40 -21.75 -19.13
C GLU B 55 -14.19 -23.23 -19.46
N ALA B 56 -14.67 -24.14 -18.63
CA ALA B 56 -14.21 -25.54 -18.66
C ALA B 56 -14.60 -26.35 -19.89
N LYS B 57 -13.65 -27.09 -20.45
CA LYS B 57 -13.91 -28.05 -21.58
C LYS B 57 -14.07 -29.48 -21.08
N THR B 58 -14.22 -30.44 -21.99
CA THR B 58 -14.44 -31.84 -21.60
C THR B 58 -13.20 -32.47 -20.98
N ALA B 59 -12.09 -31.76 -21.10
CA ALA B 59 -10.83 -32.17 -20.51
C ALA B 59 -10.76 -31.86 -19.01
N HIS B 60 -11.62 -30.96 -18.55
CA HIS B 60 -11.52 -30.43 -17.19
C HIS B 60 -12.57 -30.96 -16.22
N ILE B 61 -12.11 -31.24 -15.00
CA ILE B 61 -12.95 -31.29 -13.81
C ILE B 61 -13.24 -29.84 -13.41
N THR B 62 -14.45 -29.56 -12.94
CA THR B 62 -14.76 -28.23 -12.35
C THR B 62 -15.66 -28.35 -11.13
N PHE B 63 -16.01 -27.22 -10.53
CA PHE B 63 -17.02 -27.21 -9.49
C PHE B 63 -18.01 -26.05 -9.62
N LEU B 64 -19.12 -26.20 -8.90
CA LEU B 64 -20.07 -25.14 -8.62
C LEU B 64 -20.09 -25.02 -7.09
N ASP B 65 -19.79 -23.85 -6.53
CA ASP B 65 -19.72 -23.72 -5.06
C ASP B 65 -21.10 -23.56 -4.44
N ASN B 66 -21.67 -22.36 -4.60
CA ASN B 66 -23.10 -22.13 -4.30
C ASN B 66 -23.76 -21.29 -5.40
N GLU B 67 -25.10 -21.21 -5.35
CA GLU B 67 -25.94 -20.77 -6.47
C GLU B 67 -25.45 -19.60 -7.34
N LYS B 68 -24.50 -18.81 -6.83
CA LYS B 68 -23.93 -17.61 -7.50
C LYS B 68 -23.87 -17.73 -9.02
N TYR B 69 -23.40 -18.90 -9.48
CA TYR B 69 -23.10 -19.16 -10.89
C TYR B 69 -24.34 -19.70 -11.63
N ALA B 70 -24.86 -20.85 -11.14
CA ALA B 70 -26.06 -21.52 -11.68
C ALA B 70 -26.16 -21.58 -13.22
N LYS B 71 -26.50 -20.45 -13.87
CA LYS B 71 -26.70 -20.38 -15.34
C LYS B 71 -25.62 -21.13 -16.14
N HIS B 72 -24.41 -21.17 -15.54
CA HIS B 72 -23.20 -21.74 -16.15
C HIS B 72 -23.15 -23.27 -16.11
N LEU B 73 -24.07 -23.90 -15.39
CA LEU B 73 -24.07 -25.35 -15.24
C LEU B 73 -24.62 -26.11 -16.45
N LYS B 74 -25.82 -25.76 -16.93
CA LYS B 74 -26.44 -26.55 -17.99
C LYS B 74 -25.74 -26.42 -19.34
N SER B 75 -24.94 -25.36 -19.50
CA SER B 75 -24.23 -25.08 -20.74
C SER B 75 -22.75 -25.52 -20.70
N SER B 76 -22.31 -26.04 -19.56
CA SER B 76 -20.89 -26.29 -19.31
C SER B 76 -20.38 -27.51 -20.05
N GLU B 77 -19.15 -27.39 -20.58
CA GLU B 77 -18.48 -28.48 -21.31
C GLU B 77 -17.74 -29.45 -20.39
N ALA B 78 -17.30 -28.95 -19.24
CA ALA B 78 -16.63 -29.76 -18.22
C ALA B 78 -16.88 -31.24 -18.34
N GLY B 79 -15.81 -32.01 -18.42
CA GLY B 79 -15.91 -33.46 -18.47
C GLY B 79 -16.28 -34.04 -17.12
N ALA B 80 -16.15 -33.23 -16.07
CA ALA B 80 -16.59 -33.58 -14.73
C ALA B 80 -16.90 -32.32 -13.89
N ILE B 81 -18.07 -32.29 -13.29
CA ILE B 81 -18.43 -31.24 -12.37
C ILE B 81 -18.60 -31.82 -10.97
N ILE B 82 -17.87 -31.24 -10.02
CA ILE B 82 -17.93 -31.64 -8.63
C ILE B 82 -19.11 -30.94 -8.02
N ILE B 83 -20.00 -31.72 -7.42
CA ILE B 83 -21.29 -31.21 -7.00
C ILE B 83 -21.65 -31.67 -5.59
N SER B 84 -22.52 -30.92 -4.90
CA SER B 84 -23.03 -31.36 -3.58
C SER B 84 -24.32 -32.15 -3.77
N ARG B 85 -24.74 -32.85 -2.71
CA ARG B 85 -25.91 -33.72 -2.80
C ARG B 85 -27.22 -32.97 -3.06
N THR B 86 -27.35 -31.79 -2.45
CA THR B 86 -28.50 -30.90 -2.67
C THR B 86 -28.52 -30.38 -4.10
N GLN B 87 -27.35 -29.97 -4.61
CA GLN B 87 -27.29 -29.52 -5.99
C GLN B 87 -27.57 -30.68 -6.94
N PHE B 88 -27.09 -31.88 -6.63
CA PHE B 88 -27.44 -33.01 -7.47
C PHE B 88 -28.95 -33.20 -7.43
N GLN B 89 -29.55 -33.16 -6.23
CA GLN B 89 -31.01 -33.22 -6.14
C GLN B 89 -31.67 -32.15 -7.00
N LYS B 90 -31.12 -30.93 -6.96
CA LYS B 90 -31.67 -29.83 -7.75
C LYS B 90 -31.46 -29.95 -9.26
N TYR B 91 -30.43 -30.69 -9.71
CA TYR B 91 -30.06 -30.69 -11.14
C TYR B 91 -29.98 -32.09 -11.76
N ARG B 92 -30.46 -33.07 -11.01
CA ARG B 92 -30.61 -34.47 -11.39
C ARG B 92 -30.78 -34.80 -12.88
N ASP B 93 -31.67 -34.11 -13.59
CA ASP B 93 -31.97 -34.47 -15.00
C ASP B 93 -30.90 -34.14 -16.06
N LEU B 94 -30.09 -33.10 -15.82
CA LEU B 94 -29.10 -32.64 -16.80
C LEU B 94 -28.10 -33.74 -17.16
N ASN B 95 -27.63 -33.72 -18.41
CA ASN B 95 -26.93 -34.87 -18.99
C ASN B 95 -25.39 -34.91 -18.75
N LYS B 96 -24.94 -34.23 -17.68
CA LYS B 96 -23.52 -34.04 -17.27
C LYS B 96 -22.90 -35.21 -16.47
N ASN B 97 -21.57 -35.26 -16.40
CA ASN B 97 -20.88 -36.21 -15.51
C ASN B 97 -20.56 -35.62 -14.14
N PHE B 98 -21.21 -36.11 -13.08
CA PHE B 98 -21.07 -35.53 -11.74
C PHE B 98 -20.21 -36.36 -10.81
N LEU B 99 -19.51 -35.67 -9.92
CA LEU B 99 -18.89 -36.28 -8.75
C LEU B 99 -19.62 -35.68 -7.55
N ILE B 100 -20.39 -36.51 -6.84
CA ILE B 100 -21.30 -36.06 -5.79
C ILE B 100 -20.64 -36.21 -4.43
N THR B 101 -20.51 -35.11 -3.71
CA THR B 101 -19.83 -35.07 -2.41
C THR B 101 -20.71 -34.45 -1.30
N SER B 102 -20.34 -34.72 -0.04
CA SER B 102 -21.01 -34.16 1.14
C SER B 102 -20.12 -33.14 1.83
N GLU B 103 -18.91 -33.00 1.31
CA GLU B 103 -18.00 -31.95 1.73
C GLU B 103 -18.22 -30.75 0.82
N SER B 104 -17.58 -29.62 1.14
CA SER B 104 -17.59 -28.44 0.28
C SER B 104 -17.11 -28.83 -1.11
N PRO B 105 -17.93 -28.55 -2.13
CA PRO B 105 -17.43 -28.82 -3.48
C PRO B 105 -16.12 -28.07 -3.82
N SER B 106 -15.91 -26.88 -3.28
CA SER B 106 -14.64 -26.20 -3.48
C SER B 106 -13.48 -26.93 -2.82
N LEU B 107 -13.74 -27.56 -1.68
CA LEU B 107 -12.67 -28.24 -0.92
C LEU B 107 -12.32 -29.61 -1.55
N VAL B 108 -13.28 -30.21 -2.22
CA VAL B 108 -13.03 -31.45 -2.93
C VAL B 108 -12.26 -31.11 -4.21
N PHE B 109 -12.59 -29.95 -4.77
CA PHE B 109 -11.96 -29.43 -5.99
C PHE B 109 -10.48 -29.21 -5.78
N GLN B 110 -10.13 -28.67 -4.62
CA GLN B 110 -8.76 -28.50 -4.18
C GLN B 110 -7.99 -29.83 -4.19
N LYS B 111 -8.62 -30.92 -3.76
CA LYS B 111 -7.94 -32.22 -3.78
C LYS B 111 -7.53 -32.60 -5.22
N CYS B 112 -8.44 -32.41 -6.18
CA CYS B 112 -8.13 -32.60 -7.58
C CYS B 112 -6.98 -31.69 -8.02
N LEU B 113 -7.12 -30.39 -7.72
CA LEU B 113 -6.11 -29.41 -8.05
C LEU B 113 -4.74 -29.98 -7.68
N GLU B 114 -4.61 -30.38 -6.41
CA GLU B 114 -3.36 -30.91 -5.88
C GLU B 114 -2.87 -32.22 -6.52
N LEU B 115 -3.74 -32.94 -7.22
CA LEU B 115 -3.33 -34.05 -8.09
C LEU B 115 -2.42 -33.57 -9.22
N PHE B 116 -2.89 -32.58 -9.97
CA PHE B 116 -2.26 -32.17 -11.22
C PHE B 116 -1.04 -31.29 -10.99
N ILE B 117 -1.11 -30.45 -9.95
CA ILE B 117 -0.04 -29.50 -9.63
C ILE B 117 0.39 -29.67 -8.19
N THR B 118 1.67 -29.99 -7.99
CA THR B 118 2.25 -30.17 -6.65
C THR B 118 2.96 -28.88 -6.22
N PRO B 119 2.96 -28.56 -4.91
CA PRO B 119 3.78 -27.44 -4.46
C PRO B 119 5.28 -27.65 -4.70
N VAL B 120 6.04 -26.56 -4.63
CA VAL B 120 7.49 -26.63 -4.77
C VAL B 120 8.13 -25.76 -3.71
N ASP B 121 9.17 -26.29 -3.07
CA ASP B 121 9.95 -25.49 -2.10
C ASP B 121 11.13 -24.84 -2.80
N SER B 122 11.91 -24.06 -2.05
CA SER B 122 13.09 -23.38 -2.57
C SER B 122 14.20 -24.34 -3.00
N GLY B 123 14.25 -25.52 -2.38
CA GLY B 123 15.34 -26.46 -2.55
C GLY B 123 16.48 -26.14 -1.60
N PHE B 124 16.18 -25.50 -0.48
CA PHE B 124 17.16 -25.35 0.59
C PHE B 124 16.58 -25.88 1.90
N PRO B 125 16.71 -27.19 2.16
CA PRO B 125 16.09 -27.83 3.33
C PRO B 125 16.86 -27.55 4.63
N GLY B 126 16.19 -27.68 5.77
CA GLY B 126 16.82 -27.47 7.07
C GLY B 126 17.44 -26.09 7.18
N ILE B 127 18.51 -26.00 7.97
CA ILE B 127 19.12 -24.71 8.26
C ILE B 127 20.30 -24.44 7.32
N HIS B 128 20.14 -23.48 6.42
CA HIS B 128 21.19 -23.12 5.45
C HIS B 128 22.41 -22.60 6.20
N PRO B 129 23.63 -22.97 5.76
CA PRO B 129 24.85 -22.49 6.42
C PRO B 129 24.94 -20.96 6.52
N THR B 130 24.43 -20.24 5.54
CA THR B 130 24.51 -18.77 5.53
C THR B 130 23.50 -18.14 6.48
N ALA B 131 22.63 -18.96 7.06
CA ALA B 131 21.66 -18.43 8.02
C ALA B 131 22.32 -18.09 9.37
N VAL B 132 22.17 -16.84 9.80
CA VAL B 132 22.78 -16.31 11.03
C VAL B 132 21.84 -16.48 12.23
N ILE B 133 22.29 -17.22 13.25
CA ILE B 133 21.48 -17.42 14.46
C ILE B 133 22.27 -16.98 15.67
N HIS B 134 21.69 -16.08 16.46
CA HIS B 134 22.34 -15.54 17.64
C HIS B 134 22.51 -16.69 18.63
N PRO B 135 23.65 -16.73 19.36
CA PRO B 135 23.90 -17.82 20.35
C PRO B 135 22.78 -18.01 21.38
N THR B 136 22.11 -16.92 21.76
CA THR B 136 21.05 -16.96 22.76
C THR B 136 19.67 -17.44 22.23
N ALA B 137 19.53 -17.51 20.91
CA ALA B 137 18.29 -17.99 20.30
C ALA B 137 18.18 -19.51 20.35
N ILE B 138 16.95 -19.97 20.58
CA ILE B 138 16.66 -21.38 20.75
C ILE B 138 15.95 -21.94 19.53
N ILE B 139 16.55 -22.96 18.94
CA ILE B 139 16.03 -23.57 17.72
C ILE B 139 15.48 -24.94 18.02
N GLU B 140 14.22 -25.15 17.64
CA GLU B 140 13.53 -26.43 17.85
C GLU B 140 13.81 -27.48 16.77
N ASP B 141 13.11 -28.60 16.86
CA ASP B 141 13.27 -29.70 15.94
C ASP B 141 12.68 -29.38 14.58
N HIS B 142 13.23 -30.03 13.55
CA HIS B 142 12.68 -30.02 12.18
C HIS B 142 12.45 -28.64 11.58
N VAL B 143 13.27 -27.65 11.92
CA VAL B 143 13.02 -26.32 11.38
C VAL B 143 13.78 -26.09 10.09
N CYS B 144 13.29 -25.15 9.28
CA CYS B 144 13.95 -24.78 8.06
C CYS B 144 14.23 -23.29 8.01
N ILE B 145 15.50 -22.92 8.06
CA ILE B 145 15.89 -21.52 7.95
C ILE B 145 16.67 -21.35 6.65
N GLU B 146 16.14 -20.49 5.78
CA GLU B 146 16.60 -20.35 4.39
C GLU B 146 17.80 -19.41 4.29
N PRO B 147 18.54 -19.46 3.17
CA PRO B 147 19.72 -18.62 2.98
C PRO B 147 19.49 -17.17 3.39
N TYR B 148 20.40 -16.66 4.20
CA TYR B 148 20.49 -15.24 4.57
C TYR B 148 19.40 -14.73 5.49
N ALA B 149 18.64 -15.65 6.09
CA ALA B 149 17.74 -15.28 7.18
C ALA B 149 18.56 -14.96 8.44
N VAL B 150 18.01 -14.07 9.29
CA VAL B 150 18.68 -13.63 10.51
C VAL B 150 17.77 -13.80 11.73
N VAL B 151 18.25 -14.58 12.70
CA VAL B 151 17.53 -14.79 13.96
C VAL B 151 18.29 -14.12 15.08
N CYS B 152 17.62 -13.17 15.73
CA CYS B 152 18.21 -12.35 16.78
C CYS B 152 18.18 -12.95 18.16
N GLN B 153 18.80 -12.22 19.09
CA GLN B 153 18.99 -12.67 20.47
C GLN B 153 17.71 -13.14 21.16
N HIS B 154 17.82 -14.25 21.89
CA HIS B 154 16.70 -14.82 22.67
C HIS B 154 15.43 -15.02 21.88
N ALA B 155 15.54 -15.35 20.61
CA ALA B 155 14.36 -15.63 19.82
C ALA B 155 14.06 -17.09 19.97
N HIS B 156 12.79 -17.45 19.90
CA HIS B 156 12.42 -18.86 19.93
C HIS B 156 11.80 -19.20 18.60
N VAL B 157 12.39 -20.17 17.92
CA VAL B 157 11.82 -20.66 16.69
C VAL B 157 11.24 -22.04 16.93
N GLY B 158 9.95 -22.16 16.67
CA GLY B 158 9.21 -23.36 17.01
C GLY B 158 9.52 -24.61 16.21
N SER B 159 8.85 -25.69 16.58
CA SER B 159 9.02 -26.96 15.91
C SER B 159 8.32 -26.97 14.54
N ALA B 160 9.01 -27.49 13.52
CA ALA B 160 8.48 -27.65 12.15
C ALA B 160 8.24 -26.31 11.46
N CYS B 161 8.98 -25.30 11.91
CA CYS B 161 8.84 -23.93 11.44
C CYS B 161 9.69 -23.60 10.24
N HIS B 162 9.12 -22.86 9.28
CA HIS B 162 9.85 -22.41 8.09
C HIS B 162 10.11 -20.90 8.07
N ILE B 163 11.39 -20.53 7.98
CA ILE B 163 11.81 -19.13 7.98
C ILE B 163 12.48 -18.87 6.63
N GLY B 164 11.91 -17.95 5.84
CA GLY B 164 12.29 -17.75 4.44
C GLY B 164 13.48 -16.84 4.26
N SER B 165 14.00 -16.76 3.03
CA SER B 165 15.27 -16.07 2.75
C SER B 165 15.20 -14.62 3.20
N GLY B 166 16.29 -14.15 3.80
CA GLY B 166 16.44 -12.76 4.19
C GLY B 166 15.37 -12.22 5.14
N SER B 167 14.61 -13.14 5.74
CA SER B 167 13.67 -12.76 6.79
C SER B 167 14.44 -12.50 8.09
N VAL B 168 13.83 -11.75 9.00
CA VAL B 168 14.45 -11.36 10.25
C VAL B 168 13.56 -11.73 11.41
N ILE B 169 14.11 -12.39 12.42
CA ILE B 169 13.35 -12.67 13.64
C ILE B 169 13.98 -11.92 14.80
N GLY B 170 13.32 -10.84 15.20
CA GLY B 170 13.84 -9.88 16.17
C GLY B 170 14.01 -10.37 17.60
N ALA B 171 14.59 -9.50 18.41
CA ALA B 171 14.96 -9.85 19.78
C ALA B 171 13.75 -10.31 20.55
N TYR B 172 13.90 -11.41 21.28
CA TYR B 172 12.82 -11.89 22.16
C TYR B 172 11.56 -12.34 21.43
N SER B 173 11.62 -12.44 20.11
CA SER B 173 10.44 -12.81 19.35
C SER B 173 10.31 -14.32 19.22
N THR B 174 9.07 -14.81 19.28
CA THR B 174 8.85 -16.25 19.28
C THR B 174 7.95 -16.65 18.14
N VAL B 175 8.28 -17.76 17.51
CA VAL B 175 7.50 -18.24 16.37
C VAL B 175 7.00 -19.65 16.66
N GLY B 176 5.73 -19.75 17.00
CA GLY B 176 5.10 -21.01 17.35
C GLY B 176 5.16 -22.06 16.26
N GLU B 177 5.02 -23.31 16.69
CA GLU B 177 5.18 -24.48 15.84
C GLU B 177 4.35 -24.47 14.54
N HIS B 178 4.92 -25.05 13.49
CA HIS B 178 4.31 -25.10 12.17
C HIS B 178 4.05 -23.77 11.46
N SER B 179 4.54 -22.66 12.00
CA SER B 179 4.36 -21.40 11.29
C SER B 179 5.28 -21.36 10.07
N TYR B 180 4.80 -20.69 9.02
CA TYR B 180 5.50 -20.56 7.77
C TYR B 180 5.61 -19.10 7.48
N ILE B 181 6.85 -18.65 7.29
CA ILE B 181 7.19 -17.26 7.00
C ILE B 181 8.00 -17.18 5.70
N HIS B 182 7.44 -16.44 4.76
CA HIS B 182 8.00 -16.30 3.45
C HIS B 182 9.17 -15.33 3.46
N PRO B 183 9.95 -15.32 2.35
CA PRO B 183 11.08 -14.41 2.13
C PRO B 183 10.85 -12.95 2.52
N ARG B 184 11.92 -12.31 2.96
CA ARG B 184 11.94 -10.91 3.42
C ARG B 184 10.71 -10.45 4.21
N VAL B 185 10.42 -11.19 5.27
CA VAL B 185 9.51 -10.68 6.29
C VAL B 185 10.37 -10.05 7.39
N VAL B 186 9.88 -8.99 8.02
CA VAL B 186 10.55 -8.45 9.18
C VAL B 186 9.71 -8.64 10.46
N ILE B 187 10.23 -9.43 11.38
CA ILE B 187 9.55 -9.62 12.64
C ILE B 187 10.39 -8.91 13.67
N ARG B 188 9.94 -7.71 14.04
CA ARG B 188 10.71 -6.90 14.95
C ARG B 188 10.84 -7.58 16.31
N GLU B 189 11.46 -6.89 17.26
CA GLU B 189 11.66 -7.42 18.58
C GLU B 189 10.33 -7.61 19.27
N ARG B 190 10.34 -8.43 20.32
CA ARG B 190 9.20 -8.62 21.22
C ARG B 190 7.86 -8.85 20.54
N VAL B 191 7.89 -9.58 19.43
CA VAL B 191 6.67 -10.02 18.76
C VAL B 191 6.52 -11.50 19.02
N SER B 192 5.31 -11.98 19.28
CA SER B 192 5.13 -13.41 19.41
C SER B 192 4.15 -13.92 18.36
N ILE B 193 4.63 -14.77 17.48
CA ILE B 193 3.80 -15.38 16.45
C ILE B 193 3.35 -16.71 17.00
N GLY B 194 2.06 -17.01 16.83
CA GLY B 194 1.47 -18.24 17.33
C GLY B 194 1.78 -19.45 16.49
N LYS B 195 0.84 -20.38 16.42
CA LYS B 195 1.05 -21.67 15.73
C LYS B 195 0.33 -21.65 14.41
N ARG B 196 0.88 -22.37 13.43
CA ARG B 196 0.26 -22.52 12.12
C ARG B 196 -0.02 -21.14 11.49
N VAL B 197 0.91 -20.21 11.67
CA VAL B 197 0.73 -18.87 11.10
C VAL B 197 1.46 -18.73 9.76
N ILE B 198 0.82 -18.10 8.78
CA ILE B 198 1.44 -17.86 7.49
C ILE B 198 1.66 -16.35 7.30
N ILE B 199 2.87 -15.98 6.90
CA ILE B 199 3.17 -14.58 6.64
C ILE B 199 3.76 -14.46 5.24
N GLN B 200 3.09 -13.70 4.39
CA GLN B 200 3.48 -13.58 3.00
C GLN B 200 4.72 -12.65 2.93
N PRO B 201 5.40 -12.60 1.76
CA PRO B 201 6.64 -11.81 1.69
C PRO B 201 6.39 -10.33 1.90
N GLY B 202 7.37 -9.66 2.48
CA GLY B 202 7.30 -8.22 2.61
C GLY B 202 6.62 -7.72 3.87
N ALA B 203 5.92 -8.61 4.60
CA ALA B 203 5.17 -8.19 5.78
C ALA B 203 6.08 -7.59 6.82
N VAL B 204 5.62 -6.51 7.45
CA VAL B 204 6.36 -5.96 8.57
C VAL B 204 5.51 -6.08 9.83
N ILE B 205 6.06 -6.78 10.82
CA ILE B 205 5.35 -7.00 12.07
C ILE B 205 6.13 -6.41 13.22
N GLY B 206 5.52 -5.44 13.91
CA GLY B 206 6.15 -4.74 15.02
C GLY B 206 6.84 -3.43 14.69
N SER B 207 6.36 -2.70 13.71
CA SER B 207 6.93 -1.38 13.43
C SER B 207 6.47 -0.37 14.48
N CYS B 208 7.14 0.77 14.58
CA CYS B 208 6.74 1.79 15.56
C CYS B 208 5.39 2.40 15.23
N GLY B 209 4.57 2.53 16.28
CA GLY B 209 3.28 3.13 16.14
C GLY B 209 3.46 4.61 15.87
N PHE B 210 2.54 5.17 15.10
CA PHE B 210 2.64 6.55 14.66
C PHE B 210 2.11 7.55 15.74
N GLY B 211 2.93 7.78 16.76
CA GLY B 211 2.55 8.58 17.93
C GLY B 211 3.47 9.75 18.24
N TYR B 212 2.88 10.96 18.28
CA TYR B 212 3.65 12.18 18.51
C TYR B 212 3.00 13.14 19.48
N VAL B 213 3.84 13.95 20.10
CA VAL B 213 3.37 15.11 20.80
C VAL B 213 3.93 16.30 20.05
N THR B 214 3.02 17.11 19.53
CA THR B 214 3.34 18.32 18.78
C THR B 214 3.56 19.46 19.77
N SER B 215 4.73 20.09 19.73
CA SER B 215 5.01 21.25 20.60
C SER B 215 4.29 22.49 20.07
N ALA B 216 4.24 23.55 20.89
CA ALA B 216 3.65 24.84 20.48
C ALA B 216 4.25 25.47 19.21
N PHE B 217 5.55 25.25 18.94
CA PHE B 217 6.11 25.70 17.63
C PHE B 217 5.87 24.67 16.51
N GLY B 218 4.93 23.74 16.73
CA GLY B 218 4.50 22.80 15.70
C GLY B 218 5.49 21.67 15.39
N GLN B 219 6.36 21.36 16.35
CA GLN B 219 7.38 20.34 16.14
C GLN B 219 6.97 19.04 16.82
N HIS B 220 7.24 17.92 16.14
CA HIS B 220 6.66 16.64 16.52
C HIS B 220 7.66 15.79 17.25
N LYS B 221 7.32 15.46 18.49
CA LYS B 221 8.19 14.71 19.35
C LYS B 221 7.75 13.26 19.35
N HIS B 222 8.71 12.38 19.06
CA HIS B 222 8.49 10.94 19.00
C HIS B 222 8.17 10.37 20.37
N LEU B 223 7.16 9.50 20.44
CA LEU B 223 6.85 8.73 21.63
C LEU B 223 7.32 7.33 21.38
N LYS B 224 8.40 6.92 22.05
CA LYS B 224 8.97 5.58 21.91
C LYS B 224 7.92 4.51 22.19
N HIS B 225 7.66 3.65 21.21
CA HIS B 225 6.69 2.59 21.39
C HIS B 225 7.32 1.33 21.93
N LEU B 226 6.98 0.99 23.17
CA LEU B 226 7.55 -0.16 23.87
C LEU B 226 6.52 -1.26 24.17
N GLY B 227 5.51 -1.37 23.30
CA GLY B 227 4.57 -2.48 23.39
C GLY B 227 5.05 -3.72 22.64
N LYS B 228 4.16 -4.71 22.52
CA LYS B 228 4.44 -5.94 21.79
C LYS B 228 3.47 -6.03 20.61
N VAL B 229 3.64 -7.07 19.79
CA VAL B 229 2.58 -7.50 18.88
C VAL B 229 2.30 -9.00 19.14
N ILE B 230 1.06 -9.33 19.47
CA ILE B 230 0.63 -10.71 19.59
C ILE B 230 -0.17 -11.12 18.36
N ILE B 231 0.34 -12.11 17.64
CA ILE B 231 -0.37 -12.72 16.52
C ILE B 231 -0.70 -14.16 16.89
N GLU B 232 -2.00 -14.46 17.02
CA GLU B 232 -2.41 -15.76 17.56
C GLU B 232 -2.40 -16.89 16.55
N ASP B 233 -2.86 -18.07 16.98
CA ASP B 233 -2.85 -19.29 16.16
C ASP B 233 -3.63 -19.14 14.89
N ASP B 234 -3.21 -19.86 13.83
CA ASP B 234 -3.94 -19.93 12.54
C ASP B 234 -4.28 -18.58 11.91
N VAL B 235 -3.46 -17.56 12.20
CA VAL B 235 -3.62 -16.26 11.56
C VAL B 235 -2.76 -16.20 10.31
N GLU B 236 -3.23 -15.46 9.32
CA GLU B 236 -2.48 -15.20 8.10
C GLU B 236 -2.32 -13.70 7.84
N ILE B 237 -1.11 -13.31 7.43
CA ILE B 237 -0.79 -11.91 7.17
C ILE B 237 -0.23 -11.79 5.76
N GLY B 238 -0.81 -10.87 4.97
CA GLY B 238 -0.49 -10.71 3.55
C GLY B 238 0.81 -9.99 3.20
N ALA B 239 1.06 -9.84 1.90
CA ALA B 239 2.32 -9.28 1.43
C ALA B 239 2.41 -7.78 1.70
N ASN B 240 3.55 -7.36 2.23
CA ASN B 240 3.80 -5.94 2.53
C ASN B 240 2.77 -5.30 3.49
N THR B 241 2.09 -6.11 4.29
CA THR B 241 1.18 -5.61 5.29
C THR B 241 1.98 -5.16 6.52
N THR B 242 1.62 -4.03 7.10
CA THR B 242 2.36 -3.53 8.24
C THR B 242 1.51 -3.49 9.50
N ILE B 243 1.99 -4.18 10.52
CA ILE B 243 1.33 -4.17 11.82
C ILE B 243 2.24 -3.49 12.81
N ASP B 244 1.76 -2.37 13.36
CA ASP B 244 2.50 -1.60 14.35
C ASP B 244 2.30 -2.17 15.75
N ARG B 245 3.36 -2.10 16.58
CA ARG B 245 3.27 -2.39 18.01
C ARG B 245 2.63 -1.25 18.80
N GLY B 246 1.93 -1.61 19.88
CA GLY B 246 1.35 -0.63 20.81
C GLY B 246 2.39 0.20 21.55
N ARG B 247 1.96 1.35 22.09
CA ARG B 247 2.84 2.17 22.92
C ARG B 247 3.33 1.38 24.14
N PHE B 248 2.39 0.79 24.90
CA PHE B 248 2.73 0.06 26.12
C PHE B 248 1.97 -1.27 26.24
N LYS B 249 0.73 -1.28 25.78
CA LYS B 249 -0.05 -2.52 25.69
C LYS B 249 0.44 -3.27 24.45
N HIS B 250 -0.48 -3.91 23.74
CA HIS B 250 -0.13 -4.80 22.65
C HIS B 250 -1.10 -4.59 21.51
N SER B 251 -0.62 -4.69 20.28
CA SER B 251 -1.49 -4.87 19.13
C SER B 251 -1.72 -6.38 19.02
N VAL B 252 -2.96 -6.78 18.72
CA VAL B 252 -3.32 -8.20 18.69
C VAL B 252 -4.15 -8.54 17.47
N VAL B 253 -3.74 -9.63 16.81
CA VAL B 253 -4.57 -10.31 15.83
C VAL B 253 -4.98 -11.68 16.40
N ARG B 254 -6.27 -11.86 16.65
CA ARG B 254 -6.75 -13.08 17.30
C ARG B 254 -6.98 -14.27 16.39
N GLU B 255 -6.72 -15.44 16.96
CA GLU B 255 -6.90 -16.76 16.38
C GLU B 255 -7.80 -16.87 15.16
N GLY B 256 -7.23 -17.39 14.08
CA GLY B 256 -8.00 -17.70 12.88
C GLY B 256 -8.27 -16.56 11.91
N SER B 257 -7.94 -15.33 12.27
CA SER B 257 -8.19 -14.19 11.38
C SER B 257 -7.26 -14.18 10.16
N LYS B 258 -7.76 -13.70 9.02
CA LYS B 258 -6.99 -13.68 7.76
C LYS B 258 -6.89 -12.26 7.21
N ILE B 259 -5.66 -11.77 7.02
CA ILE B 259 -5.36 -10.39 6.62
C ILE B 259 -4.68 -10.31 5.22
N ASP B 260 -5.34 -9.66 4.26
CA ASP B 260 -4.83 -9.54 2.88
C ASP B 260 -3.59 -8.63 2.79
N ASN B 261 -3.18 -8.30 1.56
CA ASN B 261 -1.94 -7.54 1.30
C ASN B 261 -2.06 -6.05 1.59
N LEU B 262 -0.92 -5.40 1.81
CA LEU B 262 -0.81 -3.94 1.82
C LEU B 262 -1.74 -3.28 2.84
N VAL B 263 -2.00 -4.02 3.92
CA VAL B 263 -2.89 -3.55 4.98
C VAL B 263 -2.14 -2.79 6.11
N GLN B 264 -2.68 -1.63 6.52
CA GLN B 264 -2.25 -0.96 7.75
C GLN B 264 -3.00 -1.45 9.02
N ILE B 265 -2.26 -1.75 10.07
CA ILE B 265 -2.81 -2.05 11.38
C ILE B 265 -1.98 -1.25 12.36
N ALA B 266 -2.59 -0.21 12.94
CA ALA B 266 -1.91 0.78 13.78
C ALA B 266 -1.73 0.27 15.21
N HIS B 267 -1.01 1.03 16.03
CA HIS B 267 -0.74 0.66 17.43
C HIS B 267 -2.02 0.31 18.17
N GLN B 268 -1.97 -0.76 18.99
CA GLN B 268 -3.04 -1.10 19.95
C GLN B 268 -4.40 -1.43 19.34
N VAL B 269 -4.36 -1.89 18.08
CA VAL B 269 -5.55 -2.42 17.43
C VAL B 269 -5.69 -3.85 17.89
N GLU B 270 -6.92 -4.29 18.10
CA GLU B 270 -7.22 -5.67 18.43
C GLU B 270 -8.13 -6.23 17.36
N VAL B 271 -7.74 -7.33 16.73
CA VAL B 271 -8.64 -7.95 15.77
C VAL B 271 -9.10 -9.26 16.34
N GLY B 272 -10.39 -9.54 16.23
CA GLY B 272 -10.99 -10.72 16.82
C GLY B 272 -10.66 -12.01 16.11
N GLN B 273 -11.34 -13.08 16.52
CA GLN B 273 -11.14 -14.39 15.92
C GLN B 273 -11.96 -14.51 14.66
N HIS B 274 -11.40 -15.24 13.70
CA HIS B 274 -12.10 -15.56 12.46
C HIS B 274 -12.61 -14.34 11.64
N SER B 275 -11.84 -13.26 11.71
CA SER B 275 -12.16 -12.05 11.00
C SER B 275 -11.32 -11.90 9.71
N MET B 276 -11.82 -11.12 8.77
CA MET B 276 -11.15 -10.92 7.49
C MET B 276 -10.98 -9.46 7.16
N ILE B 277 -9.73 -9.09 6.89
CA ILE B 277 -9.40 -7.74 6.44
C ILE B 277 -8.84 -7.75 5.01
N VAL B 278 -9.64 -7.27 4.06
CA VAL B 278 -9.24 -7.29 2.66
C VAL B 278 -8.14 -6.24 2.29
N ALA B 279 -7.45 -6.49 1.17
CA ALA B 279 -6.27 -5.72 0.80
C ALA B 279 -6.45 -4.22 0.89
N GLN B 280 -5.40 -3.55 1.37
CA GLN B 280 -5.31 -2.09 1.30
C GLN B 280 -6.26 -1.36 2.24
N ALA B 281 -6.90 -2.10 3.14
CA ALA B 281 -7.72 -1.43 4.14
C ALA B 281 -6.78 -1.03 5.24
N GLY B 282 -7.25 -0.11 6.09
CA GLY B 282 -6.45 0.39 7.21
C GLY B 282 -7.32 0.68 8.42
N ILE B 283 -6.74 0.44 9.59
CA ILE B 283 -7.40 0.62 10.87
C ILE B 283 -6.49 1.48 11.77
N ALA B 284 -7.05 2.56 12.29
CA ALA B 284 -6.31 3.53 13.12
C ALA B 284 -6.11 2.99 14.53
N GLY B 285 -5.35 3.70 15.36
CA GLY B 285 -4.96 3.19 16.66
C GLY B 285 -6.10 2.95 17.66
N SER B 286 -5.92 1.96 18.54
CA SER B 286 -6.84 1.67 19.65
C SER B 286 -8.25 1.41 19.18
N THR B 287 -8.39 0.73 18.06
CA THR B 287 -9.70 0.34 17.62
C THR B 287 -9.78 -1.17 17.87
N LYS B 288 -10.97 -1.62 18.27
CA LYS B 288 -11.22 -3.05 18.44
C LYS B 288 -12.22 -3.53 17.38
N ILE B 289 -11.84 -4.60 16.68
CA ILE B 289 -12.68 -5.23 15.68
C ILE B 289 -13.15 -6.54 16.28
N GLY B 290 -14.44 -6.84 16.14
CA GLY B 290 -15.00 -8.02 16.76
C GLY B 290 -14.65 -9.30 16.05
N ASN B 291 -15.19 -10.40 16.56
CA ASN B 291 -15.11 -11.69 15.92
C ASN B 291 -16.00 -11.78 14.69
N HIS B 292 -15.59 -12.59 13.72
CA HIS B 292 -16.39 -12.83 12.50
C HIS B 292 -16.77 -11.56 11.77
N VAL B 293 -15.83 -10.65 11.64
CA VAL B 293 -16.07 -9.41 10.89
C VAL B 293 -15.41 -9.54 9.50
N ILE B 294 -15.98 -8.89 8.49
CA ILE B 294 -15.25 -8.67 7.22
C ILE B 294 -15.03 -7.18 6.99
N ILE B 295 -13.76 -6.76 6.90
CA ILE B 295 -13.40 -5.41 6.45
C ILE B 295 -13.04 -5.41 4.97
N GLY B 296 -13.89 -4.81 4.15
CA GLY B 296 -13.70 -4.81 2.70
C GLY B 296 -12.47 -4.06 2.22
N GLY B 297 -12.04 -4.39 1.01
CA GLY B 297 -10.85 -3.77 0.38
C GLY B 297 -10.90 -2.26 0.45
N GLN B 298 -9.75 -1.66 0.80
CA GLN B 298 -9.57 -0.20 0.87
C GLN B 298 -10.47 0.52 1.84
N ALA B 299 -11.08 -0.21 2.77
CA ALA B 299 -11.82 0.41 3.86
C ALA B 299 -10.90 1.21 4.77
N GLY B 300 -11.47 2.13 5.54
CA GLY B 300 -10.72 2.91 6.53
C GLY B 300 -11.53 3.00 7.81
N ILE B 301 -10.88 2.80 8.95
CA ILE B 301 -11.57 2.79 10.23
C ILE B 301 -10.82 3.66 11.24
N THR B 302 -11.49 4.63 11.86
CA THR B 302 -10.80 5.58 12.74
C THR B 302 -10.30 4.91 14.00
N GLY B 303 -9.60 5.71 14.82
CA GLY B 303 -9.10 5.25 16.09
C GLY B 303 -10.15 5.27 17.19
N HIS B 304 -9.82 4.63 18.30
CA HIS B 304 -10.63 4.73 19.52
C HIS B 304 -12.13 4.44 19.28
N ILE B 305 -12.43 3.43 18.48
CA ILE B 305 -13.80 2.95 18.32
C ILE B 305 -13.87 1.42 18.33
N CYS B 306 -15.10 0.90 18.27
CA CYS B 306 -15.32 -0.55 18.22
C CYS B 306 -16.22 -0.97 17.10
N ILE B 307 -15.91 -2.14 16.57
CA ILE B 307 -16.80 -2.83 15.68
C ILE B 307 -17.26 -4.10 16.36
N ALA B 308 -18.58 -4.23 16.50
CA ALA B 308 -19.22 -5.44 17.00
C ALA B 308 -19.00 -6.64 16.10
N ASP B 309 -19.26 -7.82 16.66
CA ASP B 309 -19.17 -9.10 16.00
C ASP B 309 -20.11 -9.13 14.84
N HIS B 310 -19.79 -9.96 13.85
CA HIS B 310 -20.64 -10.28 12.71
C HIS B 310 -21.04 -9.06 11.89
N VAL B 311 -20.14 -8.07 11.83
CA VAL B 311 -20.30 -6.90 10.99
C VAL B 311 -19.55 -7.09 9.67
N ILE B 312 -20.20 -6.79 8.56
CA ILE B 312 -19.49 -6.74 7.29
C ILE B 312 -19.41 -5.32 6.78
N MET B 313 -18.18 -4.89 6.51
CA MET B 313 -17.93 -3.57 5.98
C MET B 313 -17.55 -3.64 4.52
N MET B 314 -18.33 -2.97 3.68
CA MET B 314 -18.12 -2.97 2.25
C MET B 314 -16.79 -2.34 1.86
N ALA B 315 -16.36 -2.56 0.62
CA ALA B 315 -15.12 -1.98 0.12
C ALA B 315 -15.20 -0.45 0.14
N GLN B 316 -14.08 0.21 0.37
CA GLN B 316 -13.96 1.69 0.31
C GLN B 316 -14.81 2.43 1.34
N THR B 317 -15.01 1.81 2.48
CA THR B 317 -15.77 2.40 3.57
C THR B 317 -14.89 3.29 4.44
N GLY B 318 -15.46 4.39 4.90
CA GLY B 318 -14.87 5.22 5.96
C GLY B 318 -15.79 5.16 7.17
N VAL B 319 -15.30 4.52 8.22
CA VAL B 319 -16.07 4.28 9.42
C VAL B 319 -15.60 5.25 10.48
N THR B 320 -16.52 6.07 10.97
CA THR B 320 -16.22 7.21 11.83
C THR B 320 -16.73 7.06 13.27
N LYS B 321 -17.71 6.16 13.46
CA LYS B 321 -18.19 5.77 14.79
C LYS B 321 -18.19 4.25 14.94
N SER B 322 -18.17 3.79 16.18
CA SER B 322 -18.33 2.39 16.54
C SER B 322 -19.59 1.87 15.89
N ILE B 323 -19.54 0.61 15.47
CA ILE B 323 -20.70 -0.06 14.89
C ILE B 323 -21.10 -1.07 15.92
N THR B 324 -22.26 -0.87 16.51
CA THR B 324 -22.59 -1.58 17.74
C THR B 324 -23.41 -2.82 17.53
N SER B 325 -24.07 -2.92 16.38
CA SER B 325 -24.96 -4.03 16.13
C SER B 325 -24.57 -4.70 14.81
N PRO B 326 -24.76 -6.03 14.71
CA PRO B 326 -24.32 -6.82 13.55
C PRO B 326 -25.00 -6.37 12.26
N GLY B 327 -24.41 -6.68 11.11
CA GLY B 327 -25.01 -6.31 9.82
C GLY B 327 -24.04 -5.80 8.77
N ILE B 328 -24.58 -5.41 7.61
CA ILE B 328 -23.76 -4.91 6.50
C ILE B 328 -23.78 -3.38 6.44
N TYR B 329 -22.59 -2.79 6.25
CA TYR B 329 -22.42 -1.33 6.32
C TYR B 329 -21.51 -0.88 5.19
N GLY B 330 -21.79 0.29 4.63
CA GLY B 330 -21.04 0.76 3.47
C GLY B 330 -21.02 2.27 3.40
N GLY B 331 -20.18 2.81 2.53
CA GLY B 331 -20.06 4.24 2.38
C GLY B 331 -19.14 4.88 3.40
N ALA B 332 -19.00 6.20 3.24
CA ALA B 332 -18.02 7.01 3.97
C ALA B 332 -18.61 8.40 4.07
N PRO B 333 -19.17 8.76 5.24
CA PRO B 333 -19.28 7.94 6.47
C PRO B 333 -20.09 6.65 6.31
N ALA B 334 -19.73 5.64 7.09
CA ALA B 334 -20.41 4.35 7.08
C ALA B 334 -21.80 4.52 7.61
N ARG B 335 -22.76 4.01 6.86
CA ARG B 335 -24.11 3.93 7.34
C ARG B 335 -24.58 2.49 7.09
N PRO B 336 -25.58 2.01 7.83
CA PRO B 336 -26.13 0.68 7.54
C PRO B 336 -26.52 0.52 6.07
N TYR B 337 -26.45 -0.70 5.57
CA TYR B 337 -26.56 -0.96 4.13
C TYR B 337 -27.78 -0.32 3.48
N GLN B 338 -28.94 -0.53 4.11
CA GLN B 338 -30.21 0.00 3.57
C GLN B 338 -30.20 1.53 3.45
N GLU B 339 -29.64 2.18 4.46
CA GLU B 339 -29.60 3.65 4.58
C GLU B 339 -28.69 4.24 3.51
N ILE B 340 -27.54 3.58 3.26
CA ILE B 340 -26.63 4.03 2.22
C ILE B 340 -27.14 3.66 0.82
N HIS B 341 -27.78 2.51 0.69
CA HIS B 341 -28.38 2.12 -0.58
C HIS B 341 -29.39 3.16 -1.02
N ARG B 342 -30.19 3.61 -0.07
CA ARG B 342 -31.22 4.62 -0.33
C ARG B 342 -30.53 5.93 -0.72
N GLN B 343 -29.55 6.34 0.09
CA GLN B 343 -28.79 7.58 -0.14
C GLN B 343 -28.23 7.69 -1.56
N VAL B 344 -27.52 6.65 -2.02
CA VAL B 344 -27.03 6.63 -3.40
C VAL B 344 -28.18 6.81 -4.41
N ALA B 345 -29.25 6.03 -4.28
CA ALA B 345 -30.38 6.11 -5.20
C ALA B 345 -30.94 7.53 -5.31
N LYS B 346 -31.05 8.20 -4.15
CA LYS B 346 -31.57 9.57 -4.06
C LYS B 346 -30.63 10.59 -4.67
N VAL B 347 -29.33 10.36 -4.54
CA VAL B 347 -28.34 11.25 -5.15
C VAL B 347 -28.38 11.14 -6.67
N ARG B 348 -28.54 9.93 -7.22
CA ARG B 348 -28.66 9.76 -8.68
C ARG B 348 -29.91 10.48 -9.19
N ASN B 349 -30.88 10.64 -8.30
CA ASN B 349 -32.20 11.13 -8.64
C ASN B 349 -32.41 12.63 -8.47
N LEU B 350 -31.35 13.36 -8.11
CA LEU B 350 -31.39 14.81 -8.02
C LEU B 350 -31.83 15.52 -9.32
N PRO B 351 -31.32 15.09 -10.49
CA PRO B 351 -31.85 15.69 -11.72
C PRO B 351 -33.38 15.54 -11.85
N ARG B 352 -33.89 14.34 -11.54
CA ARG B 352 -35.33 14.04 -11.61
C ARG B 352 -36.15 14.73 -10.49
N LEU B 353 -35.48 15.20 -9.45
CA LEU B 353 -36.12 15.93 -8.34
C LEU B 353 -36.17 17.44 -8.57
N GLU B 354 -35.14 17.96 -9.24
CA GLU B 354 -35.10 19.35 -9.68
C GLU B 354 -36.15 19.58 -10.76
N GLU B 355 -36.42 18.53 -11.54
CA GLU B 355 -37.39 18.53 -12.61
C GLU B 355 -38.82 18.67 -12.06
N ARG B 356 -38.99 18.23 -10.81
CA ARG B 356 -40.27 18.24 -10.11
C ARG B 356 -40.49 19.54 -9.33
N ILE B 357 -39.40 20.12 -8.85
CA ILE B 357 -39.40 21.49 -8.31
C ILE B 357 -39.51 22.49 -9.47
N ALA B 358 -38.99 22.11 -10.64
CA ALA B 358 -39.14 22.91 -11.85
C ALA B 358 -40.63 23.03 -12.20
N ALA B 359 -41.23 21.91 -12.60
CA ALA B 359 -42.64 21.86 -13.01
C ALA B 359 -43.54 22.64 -12.06
N LEU B 360 -43.13 22.70 -10.78
CA LEU B 360 -43.90 23.34 -9.73
C LEU B 360 -43.83 24.88 -9.80
N GLU B 361 -42.73 25.41 -10.32
CA GLU B 361 -42.59 26.85 -10.52
C GLU B 361 -43.43 27.34 -11.71
N LYS B 362 -44.28 26.44 -12.22
CA LYS B 362 -45.35 26.70 -13.19
C LYS B 362 -46.51 27.51 -12.56
N LEU B 363 -46.30 28.05 -11.35
CA LEU B 363 -47.41 28.63 -10.58
C LEU B 363 -47.82 30.05 -10.99
N VAL B 364 -49.14 30.20 -11.20
CA VAL B 364 -49.77 31.46 -11.63
C VAL B 364 -50.33 32.22 -10.41
N GLN B 365 -51.14 31.53 -9.60
CA GLN B 365 -51.87 32.11 -8.46
C GLN B 365 -52.31 33.57 -8.64
N GLN C 23 11.24 -2.51 35.66
CA GLN C 23 10.02 -2.80 36.48
C GLN C 23 10.28 -2.91 37.99
N SER C 24 9.81 -1.90 38.73
CA SER C 24 9.86 -1.87 40.20
C SER C 24 8.53 -1.34 40.75
N THR C 25 8.59 -0.60 41.86
CA THR C 25 7.44 0.11 42.42
C THR C 25 7.88 1.48 42.91
N TYR C 26 6.97 2.44 42.81
CA TYR C 26 7.19 3.77 43.38
C TYR C 26 5.92 4.24 44.05
N SER C 27 6.04 5.22 44.93
CA SER C 27 4.87 5.86 45.50
C SER C 27 4.56 7.13 44.71
N LEU C 28 3.32 7.58 44.84
CA LEU C 28 2.88 8.84 44.24
C LEU C 28 3.87 9.96 44.55
N GLU C 29 4.20 10.13 45.83
CA GLU C 29 5.14 11.16 46.23
C GLU C 29 6.50 11.05 45.52
N GLN C 30 7.07 9.85 45.46
CA GLN C 30 8.35 9.64 44.76
C GLN C 30 8.23 9.99 43.29
N LEU C 31 7.13 9.53 42.68
CA LEU C 31 6.82 9.81 41.30
C LEU C 31 6.68 11.32 41.04
N ALA C 32 5.88 11.98 41.86
CA ALA C 32 5.76 13.43 41.76
C ALA C 32 7.13 14.12 41.75
N ASP C 33 8.02 13.73 42.66
CA ASP C 33 9.35 14.36 42.78
C ASP C 33 10.27 14.05 41.61
N PHE C 34 10.24 12.81 41.13
CA PHE C 34 10.97 12.43 39.93
C PHE C 34 10.57 13.27 38.73
N LEU C 35 9.26 13.35 38.51
CA LEU C 35 8.65 14.07 37.41
C LEU C 35 8.73 15.60 37.50
N LYS C 36 9.12 16.10 38.69
CA LYS C 36 9.11 17.54 39.01
C LYS C 36 7.70 18.09 38.77
N VAL C 37 6.71 17.35 39.27
CA VAL C 37 5.31 17.64 39.01
C VAL C 37 4.54 17.63 40.33
N GLU C 38 3.54 18.48 40.46
CA GLU C 38 2.71 18.53 41.66
C GLU C 38 1.71 17.36 41.73
N PHE C 39 1.41 16.90 42.96
CA PHE C 39 0.38 15.84 43.19
C PHE C 39 -0.76 16.24 44.14
N GLN C 40 -1.92 15.61 43.95
CA GLN C 40 -3.04 15.68 44.91
C GLN C 40 -3.64 14.29 45.11
N GLY C 41 -3.94 13.97 46.37
CA GLY C 41 -4.41 12.65 46.77
C GLY C 41 -3.41 12.18 47.79
N ASN C 42 -3.41 10.89 48.12
CA ASN C 42 -2.48 10.41 49.15
C ASN C 42 -1.18 9.87 48.53
N GLY C 43 -0.08 10.54 48.86
CA GLY C 43 1.22 10.31 48.24
C GLY C 43 1.93 9.07 48.74
N ALA C 44 1.18 8.25 49.45
CA ALA C 44 1.65 6.96 49.94
C ALA C 44 1.27 5.84 48.96
N THR C 45 0.34 6.12 48.04
CA THR C 45 -0.16 5.09 47.12
C THR C 45 0.98 4.47 46.31
N LEU C 46 1.15 3.15 46.48
CA LEU C 46 2.13 2.36 45.73
C LEU C 46 1.66 2.10 44.29
N LEU C 47 2.54 2.29 43.33
CA LEU C 47 2.25 1.97 41.92
C LEU C 47 3.44 1.41 41.16
N SER C 48 3.16 0.56 40.17
CA SER C 48 4.19 -0.31 39.59
C SER C 48 4.14 -0.48 38.06
N GLY C 49 3.12 0.07 37.42
CA GLY C 49 3.04 0.02 35.96
C GLY C 49 2.22 1.13 35.34
N VAL C 50 1.97 0.99 34.04
CA VAL C 50 1.10 1.89 33.28
C VAL C 50 -0.04 1.08 32.67
N GLU C 51 -1.11 1.79 32.30
CA GLU C 51 -2.29 1.17 31.71
C GLU C 51 -3.26 2.25 31.27
N GLU C 52 -3.94 2.00 30.16
CA GLU C 52 -4.95 2.87 29.58
C GLU C 52 -6.00 3.27 30.63
N ILE C 53 -6.60 4.45 30.46
CA ILE C 53 -7.42 5.13 31.48
C ILE C 53 -8.57 4.30 32.12
N GLU C 54 -9.26 3.50 31.30
CA GLU C 54 -10.35 2.62 31.78
C GLU C 54 -9.84 1.63 32.82
N GLU C 55 -9.17 0.59 32.34
CA GLU C 55 -8.77 -0.54 33.17
C GLU C 55 -7.52 -0.31 34.00
N ALA C 56 -7.31 0.91 34.48
CA ALA C 56 -6.17 1.16 35.34
C ALA C 56 -6.57 0.84 36.78
N LYS C 57 -5.75 0.05 37.46
CA LYS C 57 -5.99 -0.27 38.86
C LYS C 57 -5.10 0.61 39.73
N THR C 58 -5.18 0.41 41.05
CA THR C 58 -4.41 1.17 42.02
C THR C 58 -2.89 1.05 41.82
N ALA C 59 -2.48 0.08 41.00
CA ALA C 59 -1.06 -0.15 40.76
C ALA C 59 -0.59 0.55 39.49
N HIS C 60 -1.55 1.07 38.72
CA HIS C 60 -1.27 1.68 37.41
C HIS C 60 -1.31 3.21 37.39
N ILE C 61 -0.35 3.79 36.67
CA ILE C 61 -0.34 5.21 36.32
C ILE C 61 -1.06 5.37 34.99
N THR C 62 -1.82 6.45 34.83
CA THR C 62 -2.52 6.76 33.57
C THR C 62 -2.54 8.26 33.25
N PHE C 63 -3.20 8.65 32.15
CA PHE C 63 -3.31 10.06 31.77
C PHE C 63 -4.55 10.34 30.92
N LEU C 64 -4.88 11.62 30.75
CA LEU C 64 -6.02 12.05 29.93
C LEU C 64 -5.58 13.11 28.92
N ASP C 65 -5.56 12.76 27.62
CA ASP C 65 -5.05 13.71 26.59
C ASP C 65 -5.86 13.83 25.30
N ASN C 66 -7.18 13.70 25.42
CA ASN C 66 -8.15 13.99 24.35
C ASN C 66 -9.50 14.43 24.96
N GLU C 67 -10.56 13.65 24.73
CA GLU C 67 -11.84 13.76 25.45
C GLU C 67 -12.72 12.51 25.39
N LYS C 68 -12.62 11.74 24.31
CA LYS C 68 -13.49 10.56 24.10
C LYS C 68 -13.40 9.45 25.17
N TYR C 69 -12.37 9.51 26.02
CA TYR C 69 -12.25 8.62 27.19
C TYR C 69 -12.47 9.37 28.50
N ALA C 70 -12.77 10.67 28.44
CA ALA C 70 -12.96 11.50 29.64
C ALA C 70 -14.06 10.99 30.56
N LYS C 71 -15.14 10.48 29.97
CA LYS C 71 -16.22 9.82 30.70
C LYS C 71 -15.73 8.69 31.64
N HIS C 72 -14.61 8.07 31.28
CA HIS C 72 -14.04 6.94 32.04
C HIS C 72 -13.32 7.37 33.32
N LEU C 73 -13.21 8.68 33.54
CA LEU C 73 -12.41 9.20 34.65
C LEU C 73 -13.15 9.10 35.98
N LYS C 74 -14.35 9.70 36.02
CA LYS C 74 -15.26 9.68 37.18
C LYS C 74 -15.22 8.34 37.91
N SER C 75 -15.18 7.26 37.12
CA SER C 75 -15.20 5.89 37.64
C SER C 75 -13.90 5.08 37.43
N SER C 76 -12.86 5.70 36.89
CA SER C 76 -11.55 5.05 36.75
C SER C 76 -10.91 4.78 38.11
N GLU C 77 -10.05 3.77 38.14
CA GLU C 77 -9.47 3.31 39.41
C GLU C 77 -7.95 3.45 39.45
N ALA C 78 -7.42 4.23 38.50
CA ALA C 78 -5.99 4.42 38.38
C ALA C 78 -5.37 4.77 39.71
N GLY C 79 -4.15 4.31 39.96
CA GLY C 79 -3.40 4.74 41.13
C GLY C 79 -2.93 6.19 41.01
N ALA C 80 -2.87 6.70 39.78
CA ALA C 80 -2.37 8.04 39.47
C ALA C 80 -2.87 8.50 38.11
N ILE C 81 -3.39 9.71 38.05
CA ILE C 81 -3.83 10.30 36.80
C ILE C 81 -3.07 11.58 36.51
N ILE C 82 -2.26 11.53 35.46
CA ILE C 82 -1.55 12.70 34.96
C ILE C 82 -2.56 13.57 34.21
N ILE C 83 -2.62 14.84 34.57
CA ILE C 83 -3.70 15.69 34.10
C ILE C 83 -3.20 17.14 33.89
N SER C 84 -3.71 17.79 32.85
CA SER C 84 -3.34 19.16 32.53
C SER C 84 -3.96 20.18 33.52
N ARG C 85 -3.24 21.28 33.71
CA ARG C 85 -3.71 22.37 34.56
C ARG C 85 -5.13 22.77 34.24
N THR C 86 -5.47 22.75 32.95
CA THR C 86 -6.79 23.14 32.42
C THR C 86 -7.85 22.09 32.80
N GLN C 87 -7.53 20.84 32.52
CA GLN C 87 -8.42 19.71 32.78
C GLN C 87 -8.64 19.47 34.27
N PHE C 88 -7.61 19.75 35.07
CA PHE C 88 -7.61 19.50 36.51
C PHE C 88 -8.79 20.21 37.18
N GLN C 89 -9.19 21.32 36.56
CA GLN C 89 -10.26 22.17 37.09
C GLN C 89 -11.57 21.42 37.17
N LYS C 90 -11.78 20.53 36.21
CA LYS C 90 -13.04 19.80 36.07
C LYS C 90 -13.16 18.54 36.93
N TYR C 91 -12.07 18.06 37.50
CA TYR C 91 -12.09 16.79 38.23
C TYR C 91 -11.34 16.82 39.57
N ARG C 92 -10.83 17.99 39.96
CA ARG C 92 -10.09 18.13 41.24
C ARG C 92 -10.92 17.89 42.51
N ASP C 93 -12.25 17.96 42.37
CA ASP C 93 -13.19 17.59 43.43
C ASP C 93 -13.23 16.08 43.67
N LEU C 94 -13.09 15.26 42.62
CA LEU C 94 -13.05 13.78 42.76
C LEU C 94 -11.84 13.36 43.60
N ASN C 95 -11.93 12.19 44.26
CA ASN C 95 -10.86 11.78 45.20
C ASN C 95 -9.82 10.80 44.59
N LYS C 96 -9.66 10.88 43.27
CA LYS C 96 -8.60 10.21 42.53
C LYS C 96 -7.25 10.83 42.85
N ASN C 97 -6.20 10.02 42.93
CA ASN C 97 -4.84 10.54 42.97
C ASN C 97 -4.49 11.21 41.65
N PHE C 98 -4.17 12.50 41.68
CA PHE C 98 -3.78 13.25 40.47
C PHE C 98 -2.33 13.70 40.50
N LEU C 99 -1.70 13.64 39.33
CA LEU C 99 -0.42 14.30 39.12
C LEU C 99 -0.70 15.45 38.14
N ILE C 100 -0.47 16.68 38.57
CA ILE C 100 -0.90 17.86 37.78
C ILE C 100 0.28 18.56 37.18
N THR C 101 0.25 18.66 35.84
CA THR C 101 1.33 19.31 35.12
C THR C 101 0.78 20.37 34.15
N SER C 102 1.62 21.35 33.85
CA SER C 102 1.34 22.28 32.76
C SER C 102 2.05 21.86 31.44
N GLU C 103 2.59 20.64 31.41
CA GLU C 103 3.12 20.08 30.16
C GLU C 103 2.17 19.06 29.52
N SER C 104 2.59 18.55 28.36
CA SER C 104 1.90 17.47 27.69
C SER C 104 1.76 16.31 28.67
N PRO C 105 0.50 15.97 29.02
CA PRO C 105 0.21 14.84 29.87
C PRO C 105 0.78 13.58 29.25
N SER C 106 0.64 13.43 27.94
CA SER C 106 1.19 12.30 27.22
C SER C 106 2.72 12.21 27.39
N LEU C 107 3.39 13.36 27.35
CA LEU C 107 4.85 13.36 27.49
C LEU C 107 5.23 12.92 28.86
N VAL C 108 4.59 13.51 29.87
CA VAL C 108 4.88 13.17 31.26
C VAL C 108 4.60 11.68 31.46
N PHE C 109 3.52 11.20 30.86
CA PHE C 109 3.20 9.78 30.88
C PHE C 109 4.33 8.90 30.30
N GLN C 110 4.93 9.36 29.21
CA GLN C 110 6.02 8.65 28.57
C GLN C 110 7.19 8.46 29.55
N LYS C 111 7.47 9.50 30.33
CA LYS C 111 8.54 9.44 31.33
C LYS C 111 8.31 8.30 32.32
N CYS C 112 7.04 8.03 32.62
CA CYS C 112 6.65 6.93 33.49
C CYS C 112 6.79 5.59 32.77
N LEU C 113 6.17 5.49 31.60
CA LEU C 113 6.29 4.30 30.76
C LEU C 113 7.72 3.72 30.71
N GLU C 114 8.71 4.58 30.49
CA GLU C 114 10.11 4.13 30.33
C GLU C 114 10.74 3.62 31.62
N LEU C 115 10.05 3.82 32.74
CA LEU C 115 10.54 3.34 34.03
C LEU C 115 10.26 1.87 34.21
N PHE C 116 9.29 1.35 33.45
CA PHE C 116 8.89 -0.06 33.58
C PHE C 116 9.32 -0.96 32.42
N ILE C 117 9.33 -0.41 31.21
CA ILE C 117 9.74 -1.16 30.04
C ILE C 117 10.98 -0.51 29.45
N THR C 118 11.90 -1.34 28.96
CA THR C 118 13.15 -0.88 28.37
C THR C 118 13.30 -1.36 26.91
N PRO C 119 13.91 -0.54 26.03
CA PRO C 119 14.15 -1.01 24.62
C PRO C 119 15.13 -2.19 24.51
N VAL C 120 14.96 -3.01 23.47
CA VAL C 120 15.92 -4.09 23.19
C VAL C 120 16.47 -3.94 21.77
N ASP C 121 17.81 -4.01 21.65
CA ASP C 121 18.48 -4.11 20.37
C ASP C 121 18.52 -5.60 19.98
N SER C 122 19.14 -5.89 18.85
CA SER C 122 19.13 -7.22 18.25
C SER C 122 20.18 -8.20 18.78
N GLY C 123 21.18 -7.68 19.48
CA GLY C 123 22.32 -8.49 19.96
C GLY C 123 23.49 -8.60 19.00
N PHE C 124 23.50 -7.74 17.97
CA PHE C 124 24.59 -7.64 17.01
C PHE C 124 25.15 -6.23 17.00
N PRO C 125 26.20 -5.97 17.79
CA PRO C 125 26.74 -4.60 17.88
C PRO C 125 27.81 -4.27 16.83
N GLY C 126 28.01 -2.98 16.57
CA GLY C 126 29.04 -2.54 15.62
C GLY C 126 28.76 -3.05 14.21
N ILE C 127 29.84 -3.37 13.49
CA ILE C 127 29.76 -3.79 12.10
C ILE C 127 29.93 -5.29 12.01
N HIS C 128 28.82 -5.98 11.78
CA HIS C 128 28.82 -7.44 11.62
C HIS C 128 29.69 -7.83 10.42
N PRO C 129 30.48 -8.93 10.54
CA PRO C 129 31.37 -9.34 9.42
C PRO C 129 30.65 -9.68 8.12
N THR C 130 29.34 -9.94 8.14
CA THR C 130 28.65 -10.22 6.88
C THR C 130 28.28 -8.94 6.13
N ALA C 131 28.33 -7.81 6.79
CA ALA C 131 28.11 -6.55 6.10
C ALA C 131 28.99 -6.58 4.84
N VAL C 132 28.47 -6.12 3.72
CA VAL C 132 29.28 -5.99 2.53
C VAL C 132 29.45 -4.51 2.23
N ILE C 133 30.67 -4.01 2.37
CA ILE C 133 30.90 -2.60 2.15
C ILE C 133 31.89 -2.44 1.02
N HIS C 134 31.49 -1.64 0.03
CA HIS C 134 32.32 -1.32 -1.12
C HIS C 134 33.55 -0.50 -0.71
N PRO C 135 34.74 -0.85 -1.23
CA PRO C 135 35.98 -0.12 -0.90
C PRO C 135 35.87 1.43 -0.92
N THR C 136 35.03 1.97 -1.81
CA THR C 136 34.95 3.44 -2.01
C THR C 136 33.90 4.12 -1.13
N ALA C 137 33.35 3.35 -0.20
CA ALA C 137 32.40 3.87 0.78
C ALA C 137 33.18 4.27 2.02
N ILE C 138 32.65 5.24 2.76
CA ILE C 138 33.26 5.69 4.00
C ILE C 138 32.30 5.41 5.14
N ILE C 139 32.80 4.85 6.23
CA ILE C 139 31.96 4.54 7.37
C ILE C 139 32.57 5.23 8.56
N GLU C 140 31.80 6.11 9.20
CA GLU C 140 32.32 6.87 10.35
C GLU C 140 32.48 6.04 11.62
N ASP C 141 32.85 6.69 12.71
CA ASP C 141 32.99 6.03 14.01
C ASP C 141 31.64 5.54 14.61
N HIS C 142 31.73 4.65 15.61
CA HIS C 142 30.59 4.24 16.46
C HIS C 142 29.29 3.99 15.70
N VAL C 143 29.33 3.07 14.74
CA VAL C 143 28.22 2.82 13.82
C VAL C 143 27.91 1.33 13.75
N CYS C 144 26.63 1.00 13.84
CA CYS C 144 26.22 -0.38 13.78
C CYS C 144 25.76 -0.78 12.37
N ILE C 145 26.29 -1.88 11.84
CA ILE C 145 25.75 -2.45 10.58
C ILE C 145 25.49 -3.95 10.68
N GLU C 146 24.20 -4.29 10.74
CA GLU C 146 23.75 -5.60 11.16
C GLU C 146 23.85 -6.60 10.04
N PRO C 147 23.76 -7.92 10.34
CA PRO C 147 24.07 -8.95 9.36
C PRO C 147 23.49 -8.68 7.98
N TYR C 148 24.30 -8.94 6.95
CA TYR C 148 23.86 -8.90 5.56
C TYR C 148 23.38 -7.56 5.05
N ALA C 149 23.74 -6.47 5.73
CA ALA C 149 23.50 -5.17 5.11
C ALA C 149 24.48 -4.93 3.93
N VAL C 150 24.07 -4.09 2.98
CA VAL C 150 24.87 -3.85 1.76
C VAL C 150 25.03 -2.34 1.52
N VAL C 151 26.28 -1.88 1.69
CA VAL C 151 26.62 -0.47 1.49
C VAL C 151 27.43 -0.33 0.21
N CYS C 152 26.84 0.32 -0.80
CA CYS C 152 27.41 0.40 -2.16
C CYS C 152 28.39 1.56 -2.34
N GLN C 153 28.94 1.66 -3.55
CA GLN C 153 30.03 2.57 -3.84
C GLN C 153 29.72 4.05 -3.59
N HIS C 154 30.69 4.74 -2.98
CA HIS C 154 30.68 6.19 -2.71
C HIS C 154 29.54 6.66 -1.78
N ALA C 155 29.11 5.73 -0.94
CA ALA C 155 28.20 6.04 0.14
C ALA C 155 29.01 6.51 1.33
N HIS C 156 28.37 7.33 2.16
CA HIS C 156 28.97 7.80 3.39
C HIS C 156 27.96 7.63 4.52
N VAL C 157 28.39 6.94 5.58
CA VAL C 157 27.53 6.70 6.73
C VAL C 157 28.07 7.43 7.97
N GLY C 158 27.35 8.46 8.41
CA GLY C 158 27.76 9.30 9.54
C GLY C 158 27.92 8.54 10.85
N SER C 159 28.53 9.18 11.83
CA SER C 159 28.79 8.49 13.10
C SER C 159 27.49 8.30 13.89
N ALA C 160 27.50 7.31 14.77
CA ALA C 160 26.32 6.99 15.59
C ALA C 160 25.08 6.55 14.78
N CYS C 161 25.30 6.05 13.58
CA CYS C 161 24.23 5.55 12.71
C CYS C 161 23.97 4.08 13.00
N HIS C 162 22.72 3.67 12.79
CA HIS C 162 22.35 2.26 12.86
C HIS C 162 21.81 1.83 11.49
N ILE C 163 22.45 0.81 10.91
CA ILE C 163 22.00 0.27 9.64
C ILE C 163 21.50 -1.16 9.85
N GLY C 164 20.18 -1.28 9.83
CA GLY C 164 19.50 -2.54 10.09
C GLY C 164 19.81 -3.64 9.11
N SER C 165 19.66 -4.87 9.58
CA SER C 165 19.90 -6.06 8.79
C SER C 165 19.24 -6.05 7.42
N GLY C 166 19.97 -6.54 6.43
CA GLY C 166 19.48 -6.68 5.05
C GLY C 166 19.09 -5.40 4.31
N SER C 167 19.42 -4.24 4.91
CA SER C 167 19.17 -2.96 4.28
C SER C 167 20.23 -2.64 3.22
N VAL C 168 19.89 -1.75 2.27
CA VAL C 168 20.78 -1.37 1.17
C VAL C 168 21.02 0.14 1.10
N ILE C 169 22.30 0.54 1.18
CA ILE C 169 22.64 1.96 0.98
C ILE C 169 23.29 2.16 -0.39
N GLY C 170 22.52 2.73 -1.32
CA GLY C 170 22.91 2.84 -2.74
C GLY C 170 24.02 3.81 -3.08
N ALA C 171 24.49 3.72 -4.32
CA ALA C 171 25.62 4.51 -4.81
C ALA C 171 25.50 5.98 -4.47
N TYR C 172 26.59 6.57 -3.94
CA TYR C 172 26.69 8.02 -3.63
C TYR C 172 25.60 8.53 -2.69
N SER C 173 25.05 7.64 -1.88
CA SER C 173 24.02 8.04 -0.95
C SER C 173 24.63 8.29 0.41
N THR C 174 24.16 9.33 1.08
CA THR C 174 24.71 9.70 2.37
C THR C 174 23.68 9.58 3.49
N VAL C 175 24.16 9.26 4.70
CA VAL C 175 23.30 9.17 5.86
C VAL C 175 23.89 10.06 6.94
N GLY C 176 23.10 11.04 7.37
CA GLY C 176 23.52 11.95 8.42
C GLY C 176 23.68 11.22 9.75
N GLU C 177 24.52 11.78 10.63
CA GLU C 177 24.81 11.16 11.92
C GLU C 177 23.57 10.90 12.79
N HIS C 178 23.64 9.84 13.59
CA HIS C 178 22.57 9.45 14.52
C HIS C 178 21.26 8.98 13.86
N SER C 179 21.30 8.57 12.60
CA SER C 179 20.07 8.10 11.96
C SER C 179 19.88 6.62 12.21
N TYR C 180 18.63 6.20 12.37
CA TYR C 180 18.29 4.80 12.58
C TYR C 180 17.58 4.14 11.36
N ILE C 181 18.30 3.31 10.62
CA ILE C 181 17.68 2.54 9.54
C ILE C 181 17.32 1.17 10.07
N HIS C 182 16.02 0.88 10.09
CA HIS C 182 15.54 -0.43 10.48
C HIS C 182 15.88 -1.49 9.41
N PRO C 183 15.67 -2.77 9.71
CA PRO C 183 15.98 -3.80 8.74
C PRO C 183 15.19 -3.71 7.44
N ARG C 184 15.75 -4.33 6.40
CA ARG C 184 15.18 -4.39 5.04
C ARG C 184 14.70 -3.06 4.48
N VAL C 185 15.49 -2.01 4.72
CA VAL C 185 15.23 -0.74 4.04
C VAL C 185 16.11 -0.62 2.79
N VAL C 186 15.53 -0.10 1.71
CA VAL C 186 16.25 0.08 0.47
C VAL C 186 16.43 1.56 0.25
N ILE C 187 17.67 1.98 0.06
CA ILE C 187 17.95 3.35 -0.30
C ILE C 187 18.68 3.28 -1.63
N ARG C 188 18.11 3.92 -2.64
CA ARG C 188 18.66 3.87 -3.98
C ARG C 188 19.79 4.93 -4.12
N GLU C 189 20.28 5.11 -5.36
CA GLU C 189 21.39 6.05 -5.65
C GLU C 189 21.08 7.47 -5.21
N ARG C 190 22.14 8.18 -4.82
CA ARG C 190 22.08 9.64 -4.73
C ARG C 190 20.89 10.11 -3.89
N VAL C 191 20.80 9.55 -2.69
CA VAL C 191 19.79 9.95 -1.72
C VAL C 191 20.55 10.48 -0.52
N SER C 192 20.13 11.61 0.01
CA SER C 192 20.80 12.15 1.16
C SER C 192 19.88 12.14 2.39
N ILE C 193 20.19 11.27 3.33
CA ILE C 193 19.48 11.21 4.59
C ILE C 193 20.14 12.21 5.52
N GLY C 194 19.35 13.10 6.11
CA GLY C 194 19.86 14.01 7.13
C GLY C 194 20.23 13.41 8.49
N LYS C 195 20.57 14.31 9.42
CA LYS C 195 20.96 13.99 10.79
C LYS C 195 19.77 13.41 11.58
N ARG C 196 20.01 12.33 12.32
CA ARG C 196 19.03 11.71 13.25
C ARG C 196 17.62 11.40 12.73
N VAL C 197 17.59 10.57 11.68
CA VAL C 197 16.37 10.19 10.95
C VAL C 197 15.96 8.75 11.31
N ILE C 198 14.67 8.46 11.44
CA ILE C 198 14.26 7.06 11.61
C ILE C 198 13.47 6.56 10.40
N ILE C 199 13.89 5.41 9.90
CA ILE C 199 13.23 4.74 8.79
C ILE C 199 12.83 3.29 9.17
N GLN C 200 11.52 3.02 9.09
CA GLN C 200 10.95 1.74 9.50
C GLN C 200 11.25 0.66 8.45
N PRO C 201 11.12 -0.64 8.80
CA PRO C 201 11.37 -1.69 7.80
C PRO C 201 10.58 -1.55 6.50
N GLY C 202 11.15 -2.03 5.41
CA GLY C 202 10.42 -2.11 4.15
C GLY C 202 10.40 -0.89 3.27
N ALA C 203 10.65 0.29 3.84
CA ALA C 203 10.59 1.56 3.09
C ALA C 203 11.52 1.53 1.89
N VAL C 204 11.21 2.37 0.91
CA VAL C 204 11.98 2.43 -0.35
C VAL C 204 12.15 3.89 -0.77
N ILE C 205 13.37 4.41 -0.61
CA ILE C 205 13.66 5.80 -0.87
C ILE C 205 14.46 5.95 -2.15
N GLY C 206 13.85 6.53 -3.17
CA GLY C 206 14.52 6.81 -4.41
C GLY C 206 14.20 5.80 -5.48
N SER C 207 13.00 5.23 -5.43
CA SER C 207 12.51 4.42 -6.55
C SER C 207 12.24 5.38 -7.73
N CYS C 208 12.04 4.84 -8.93
CA CYS C 208 11.84 5.64 -10.16
C CYS C 208 10.46 6.24 -10.25
N GLY C 209 10.41 7.51 -10.63
CA GLY C 209 9.13 8.20 -10.84
C GLY C 209 8.34 7.53 -11.94
N PHE C 210 7.04 7.75 -11.92
CA PHE C 210 6.14 7.07 -12.84
C PHE C 210 5.93 7.98 -14.04
N GLY C 211 7.00 8.14 -14.82
CA GLY C 211 6.98 9.00 -16.00
C GLY C 211 7.37 8.24 -17.24
N TYR C 212 6.56 8.40 -18.29
CA TYR C 212 6.79 7.70 -19.54
C TYR C 212 6.58 8.60 -20.74
N VAL C 213 7.23 8.30 -21.84
CA VAL C 213 6.84 8.96 -23.08
C VAL C 213 5.84 8.04 -23.74
N THR C 214 4.65 8.56 -23.98
CA THR C 214 3.59 7.76 -24.59
C THR C 214 3.42 8.00 -26.10
N SER C 215 4.10 7.17 -26.89
CA SER C 215 3.83 7.01 -28.32
C SER C 215 2.32 7.23 -28.64
N ALA C 216 2.03 7.89 -29.76
CA ALA C 216 0.63 8.02 -30.23
C ALA C 216 0.36 6.80 -31.13
N PHE C 217 -0.25 5.79 -30.51
CA PHE C 217 -0.14 4.36 -30.86
C PHE C 217 -0.38 3.62 -29.53
N GLY C 218 -0.26 4.37 -28.43
CA GLY C 218 -0.51 3.90 -27.08
C GLY C 218 0.67 3.37 -26.26
N GLN C 219 1.78 3.02 -26.94
CA GLN C 219 2.98 2.42 -26.30
C GLN C 219 3.67 3.37 -25.30
N HIS C 220 4.22 2.82 -24.21
CA HIS C 220 4.87 3.64 -23.14
C HIS C 220 6.36 3.37 -22.97
N LYS C 221 7.15 4.41 -23.17
CA LYS C 221 8.62 4.31 -23.14
C LYS C 221 9.20 4.86 -21.83
N HIS C 222 10.08 4.05 -21.25
CA HIS C 222 10.80 4.32 -20.00
C HIS C 222 11.71 5.56 -20.09
N LEU C 223 11.81 6.30 -19.00
CA LEU C 223 12.77 7.40 -18.92
C LEU C 223 13.55 7.35 -17.60
N LYS C 224 14.83 6.94 -17.64
CA LYS C 224 15.61 6.80 -16.40
C LYS C 224 15.43 8.03 -15.53
N HIS C 225 14.96 7.88 -14.30
CA HIS C 225 14.86 9.04 -13.43
C HIS C 225 16.18 9.24 -12.70
N LEU C 226 16.67 10.47 -12.71
CA LEU C 226 18.03 10.74 -12.27
C LEU C 226 18.15 11.79 -11.19
N GLY C 227 17.04 12.48 -10.92
CA GLY C 227 16.96 13.45 -9.83
C GLY C 227 17.39 12.88 -8.49
N LYS C 228 17.77 13.77 -7.58
CA LYS C 228 18.18 13.35 -6.25
C LYS C 228 16.93 13.43 -5.40
N VAL C 229 16.99 12.74 -4.26
CA VAL C 229 15.94 12.72 -3.26
C VAL C 229 16.60 13.19 -1.98
N ILE C 230 15.92 14.05 -1.23
CA ILE C 230 16.51 14.60 -0.03
C ILE C 230 15.60 14.40 1.18
N ILE C 231 16.16 13.79 2.21
CA ILE C 231 15.45 13.62 3.47
C ILE C 231 16.19 14.41 4.53
N GLU C 232 15.64 15.56 4.89
CA GLU C 232 16.28 16.45 5.89
C GLU C 232 16.24 15.89 7.31
N ASP C 233 17.00 16.51 8.22
CA ASP C 233 17.18 16.00 9.59
C ASP C 233 15.85 15.84 10.28
N ASP C 234 15.75 14.82 11.12
CA ASP C 234 14.60 14.60 12.04
C ASP C 234 13.36 14.08 11.37
N VAL C 235 13.46 13.75 10.09
CA VAL C 235 12.37 13.12 9.37
C VAL C 235 12.23 11.66 9.81
N GLU C 236 10.99 11.18 9.91
CA GLU C 236 10.74 9.77 10.17
C GLU C 236 9.91 9.22 9.05
N ILE C 237 10.31 8.07 8.52
CA ILE C 237 9.59 7.46 7.41
C ILE C 237 9.11 6.06 7.79
N GLY C 238 7.81 5.83 7.58
CA GLY C 238 7.12 4.64 8.02
C GLY C 238 7.40 3.36 7.23
N ALA C 239 6.83 2.27 7.74
CA ALA C 239 7.07 0.94 7.18
C ALA C 239 6.47 0.80 5.80
N ASN C 240 7.27 0.27 4.88
CA ASN C 240 6.83 0.05 3.50
C ASN C 240 6.37 1.29 2.69
N THR C 241 6.65 2.49 3.21
CA THR C 241 6.39 3.71 2.48
C THR C 241 7.37 3.87 1.33
N THR C 242 6.89 4.36 0.19
CA THR C 242 7.71 4.53 -1.01
C THR C 242 7.82 6.01 -1.46
N ILE C 243 9.05 6.51 -1.59
CA ILE C 243 9.32 7.88 -2.05
C ILE C 243 10.10 7.87 -3.39
N ASP C 244 9.47 8.39 -4.45
CA ASP C 244 10.03 8.36 -5.81
C ASP C 244 10.92 9.58 -6.09
N ARG C 245 11.88 9.40 -6.99
CA ARG C 245 12.76 10.49 -7.38
C ARG C 245 12.32 11.12 -8.69
N GLY C 246 12.63 12.41 -8.85
CA GLY C 246 12.20 13.16 -10.03
C GLY C 246 12.97 12.70 -11.24
N ARG C 247 12.55 13.13 -12.42
CA ARG C 247 13.28 12.79 -13.63
C ARG C 247 14.73 13.29 -13.55
N PHE C 248 14.89 14.58 -13.21
CA PHE C 248 16.21 15.17 -13.00
C PHE C 248 16.21 16.23 -11.91
N LYS C 249 15.08 16.89 -11.68
CA LYS C 249 14.98 17.78 -10.53
C LYS C 249 14.68 17.03 -9.23
N HIS C 250 14.86 17.71 -8.10
CA HIS C 250 14.92 17.05 -6.79
C HIS C 250 13.55 16.84 -6.11
N SER C 251 13.47 15.82 -5.26
CA SER C 251 12.33 15.60 -4.36
C SER C 251 12.81 15.75 -2.93
N VAL C 252 12.08 16.52 -2.12
CA VAL C 252 12.56 16.86 -0.78
C VAL C 252 11.54 16.64 0.32
N VAL C 253 11.94 15.94 1.36
CA VAL C 253 11.16 15.94 2.60
C VAL C 253 11.85 16.83 3.65
N ARG C 254 11.33 18.06 3.78
CA ARG C 254 11.95 19.07 4.66
C ARG C 254 11.91 18.60 6.12
N GLU C 255 12.74 19.22 6.96
CA GLU C 255 13.01 18.69 8.30
C GLU C 255 11.79 18.48 9.19
N GLY C 256 11.93 17.54 10.12
CA GLY C 256 10.94 17.31 11.15
C GLY C 256 9.70 16.56 10.71
N SER C 257 9.52 16.38 9.40
CA SER C 257 8.32 15.73 8.89
C SER C 257 8.24 14.26 9.32
N LYS C 258 7.02 13.81 9.63
CA LYS C 258 6.81 12.44 10.04
C LYS C 258 5.88 11.78 9.04
N ILE C 259 6.37 10.65 8.50
CA ILE C 259 5.59 9.88 7.55
C ILE C 259 5.33 8.47 8.05
N ASP C 260 4.08 8.03 7.89
CA ASP C 260 3.55 6.79 8.42
C ASP C 260 3.71 5.67 7.37
N ASN C 261 3.03 4.55 7.59
CA ASN C 261 3.27 3.34 6.83
C ASN C 261 2.54 3.37 5.51
N LEU C 262 3.07 2.63 4.52
CA LEU C 262 2.35 2.39 3.28
C LEU C 262 1.95 3.71 2.61
N VAL C 263 2.84 4.69 2.67
CA VAL C 263 2.55 6.01 2.12
C VAL C 263 3.28 6.10 0.79
N GLN C 264 2.62 6.72 -0.21
CA GLN C 264 3.22 7.00 -1.51
C GLN C 264 3.54 8.48 -1.63
N ILE C 265 4.82 8.78 -1.89
CA ILE C 265 5.25 10.13 -2.17
C ILE C 265 5.75 10.09 -3.59
N ALA C 266 4.96 10.57 -4.55
CA ALA C 266 5.36 10.41 -5.95
C ALA C 266 6.54 11.32 -6.29
N HIS C 267 7.05 11.22 -7.51
CA HIS C 267 8.23 11.98 -7.90
C HIS C 267 8.09 13.47 -7.68
N GLN C 268 9.23 14.10 -7.41
CA GLN C 268 9.36 15.55 -7.39
C GLN C 268 8.46 16.24 -6.39
N VAL C 269 8.22 15.60 -5.26
CA VAL C 269 7.38 16.22 -4.24
C VAL C 269 8.21 17.03 -3.23
N GLU C 270 7.72 18.20 -2.86
CA GLU C 270 8.29 18.86 -1.71
C GLU C 270 7.34 18.72 -0.56
N VAL C 271 7.79 18.05 0.49
CA VAL C 271 7.03 18.02 1.72
C VAL C 271 7.65 19.07 2.61
N GLY C 272 6.90 20.11 2.93
CA GLY C 272 7.40 21.22 3.76
C GLY C 272 7.83 20.73 5.12
N GLN C 273 8.11 21.64 6.04
CA GLN C 273 8.68 21.20 7.30
C GLN C 273 7.66 21.00 8.40
N HIS C 274 7.94 20.01 9.25
CA HIS C 274 7.08 19.60 10.36
C HIS C 274 5.65 19.24 9.94
N SER C 275 5.52 18.64 8.76
CA SER C 275 4.24 18.11 8.31
C SER C 275 4.05 16.65 8.71
N MET C 276 2.79 16.21 8.77
CA MET C 276 2.44 14.82 9.12
C MET C 276 1.67 14.16 8.00
N ILE C 277 2.12 12.99 7.59
CA ILE C 277 1.41 12.19 6.61
C ILE C 277 1.09 10.85 7.25
N VAL C 278 -0.20 10.52 7.31
CA VAL C 278 -0.73 9.33 7.99
C VAL C 278 -0.83 8.15 7.03
N ALA C 279 -0.85 6.93 7.57
CA ALA C 279 -0.76 5.67 6.77
C ALA C 279 -1.63 5.63 5.54
N GLN C 280 -1.07 5.10 4.46
CA GLN C 280 -1.78 4.92 3.18
C GLN C 280 -2.22 6.21 2.46
N ALA C 281 -1.73 7.36 2.92
CA ALA C 281 -1.90 8.56 2.14
C ALA C 281 -1.09 8.40 0.87
N GLY C 282 -1.32 9.30 -0.08
CA GLY C 282 -0.59 9.32 -1.33
C GLY C 282 -0.54 10.75 -1.82
N ILE C 283 0.64 11.22 -2.20
CA ILE C 283 0.78 12.53 -2.81
C ILE C 283 1.26 12.32 -4.24
N ALA C 284 0.54 12.86 -5.22
CA ALA C 284 0.98 12.71 -6.62
C ALA C 284 2.12 13.67 -7.05
N GLY C 285 2.61 13.44 -8.26
CA GLY C 285 3.81 14.06 -8.82
C GLY C 285 3.93 15.57 -8.73
N SER C 286 5.16 16.02 -8.48
CA SER C 286 5.54 17.44 -8.45
C SER C 286 4.48 18.28 -7.85
N THR C 287 4.09 17.93 -6.63
CA THR C 287 3.19 18.76 -5.83
C THR C 287 3.91 19.23 -4.57
N LYS C 288 3.51 20.40 -4.12
CA LYS C 288 4.23 21.09 -3.09
C LYS C 288 3.35 21.17 -1.85
N ILE C 289 3.85 20.61 -0.76
CA ILE C 289 3.14 20.64 0.52
C ILE C 289 3.78 21.64 1.48
N GLY C 290 2.97 22.53 2.06
CA GLY C 290 3.47 23.54 2.98
C GLY C 290 4.02 23.04 4.30
N ASN C 291 4.25 23.96 5.22
CA ASN C 291 4.80 23.60 6.52
C ASN C 291 3.67 23.33 7.46
N HIS C 292 3.94 22.48 8.46
CA HIS C 292 2.96 22.15 9.47
C HIS C 292 1.64 21.74 8.82
N VAL C 293 1.72 20.84 7.84
CA VAL C 293 0.53 20.32 7.16
C VAL C 293 0.22 18.92 7.73
N ILE C 294 -1.07 18.61 7.88
CA ILE C 294 -1.48 17.27 8.29
C ILE C 294 -2.32 16.62 7.20
N ILE C 295 -1.84 15.49 6.70
CA ILE C 295 -2.54 14.70 5.70
C ILE C 295 -3.08 13.40 6.35
N GLY C 296 -4.41 13.26 6.36
CA GLY C 296 -5.09 12.14 7.01
C GLY C 296 -4.89 10.81 6.30
N GLY C 297 -5.11 9.71 7.03
CA GLY C 297 -4.99 8.37 6.45
C GLY C 297 -5.80 8.17 5.19
N GLN C 298 -5.19 7.51 4.19
CA GLN C 298 -5.85 7.21 2.91
C GLN C 298 -6.25 8.44 2.07
N ALA C 299 -5.86 9.64 2.51
CA ALA C 299 -6.07 10.82 1.67
C ALA C 299 -5.22 10.74 0.40
N GLY C 300 -5.69 11.39 -0.66
CA GLY C 300 -4.97 11.52 -1.92
C GLY C 300 -4.93 12.98 -2.38
N ILE C 301 -3.81 13.36 -3.02
CA ILE C 301 -3.60 14.70 -3.52
C ILE C 301 -3.07 14.63 -4.94
N THR C 302 -3.70 15.33 -5.89
CA THR C 302 -3.27 15.23 -7.29
C THR C 302 -1.95 15.89 -7.52
N GLY C 303 -1.41 15.69 -8.72
CA GLY C 303 -0.12 16.23 -9.10
C GLY C 303 -0.19 17.69 -9.45
N HIS C 304 0.96 18.36 -9.45
CA HIS C 304 1.11 19.73 -9.94
C HIS C 304 0.28 20.77 -9.21
N ILE C 305 0.03 20.55 -7.93
CA ILE C 305 -0.73 21.56 -7.18
C ILE C 305 0.01 22.00 -5.92
N CYS C 306 -0.65 22.84 -5.13
CA CYS C 306 -0.04 23.47 -3.98
C CYS C 306 -0.89 23.37 -2.72
N ILE C 307 -0.25 23.06 -1.60
CA ILE C 307 -0.96 23.04 -0.33
C ILE C 307 -0.38 24.05 0.66
N ALA C 308 -1.19 25.02 1.07
CA ALA C 308 -0.74 26.08 1.97
C ALA C 308 -0.32 25.57 3.34
N ASP C 309 0.50 26.35 4.03
CA ASP C 309 0.87 26.09 5.42
C ASP C 309 -0.33 25.91 6.33
N HIS C 310 -0.18 25.03 7.32
CA HIS C 310 -1.17 24.82 8.39
C HIS C 310 -2.51 24.28 7.90
N VAL C 311 -2.50 23.66 6.73
CA VAL C 311 -3.68 23.00 6.20
C VAL C 311 -3.78 21.58 6.76
N ILE C 312 -5.00 21.17 7.12
CA ILE C 312 -5.25 19.84 7.62
C ILE C 312 -6.26 19.12 6.73
N MET C 313 -5.80 18.02 6.13
CA MET C 313 -6.68 17.13 5.38
C MET C 313 -7.19 16.01 6.27
N MET C 314 -8.44 15.61 6.05
CA MET C 314 -8.98 14.54 6.84
C MET C 314 -8.78 13.23 6.11
N ALA C 315 -8.84 12.13 6.86
CA ALA C 315 -8.76 10.82 6.26
C ALA C 315 -9.68 10.69 5.04
N GLN C 316 -9.15 10.09 3.98
CA GLN C 316 -9.92 9.75 2.77
C GLN C 316 -10.30 10.97 1.91
N THR C 317 -9.72 12.13 2.26
CA THR C 317 -9.87 13.35 1.47
C THR C 317 -9.29 13.14 0.08
N GLY C 318 -9.91 13.78 -0.91
CA GLY C 318 -9.40 13.82 -2.29
C GLY C 318 -9.23 15.24 -2.71
N VAL C 319 -7.99 15.72 -2.72
CA VAL C 319 -7.68 17.10 -3.11
C VAL C 319 -7.39 17.14 -4.61
N THR C 320 -8.05 18.06 -5.30
CA THR C 320 -8.03 18.10 -6.77
C THR C 320 -7.53 19.44 -7.30
N LYS C 321 -7.39 20.38 -6.38
CA LYS C 321 -7.00 21.76 -6.67
C LYS C 321 -6.03 22.16 -5.57
N SER C 322 -5.22 23.17 -5.83
CA SER C 322 -4.42 23.80 -4.78
C SER C 322 -5.30 24.28 -3.64
N ILE C 323 -4.75 24.28 -2.42
CA ILE C 323 -5.40 24.89 -1.26
C ILE C 323 -4.51 26.02 -0.76
N THR C 324 -5.13 27.16 -0.48
CA THR C 324 -4.37 28.39 -0.16
C THR C 324 -4.72 28.98 1.21
N SER C 325 -5.94 28.73 1.68
CA SER C 325 -6.34 29.18 3.01
C SER C 325 -6.09 28.09 4.04
N PRO C 326 -5.37 28.42 5.13
CA PRO C 326 -5.20 27.43 6.19
C PRO C 326 -6.53 27.11 6.87
N GLY C 327 -6.63 25.92 7.47
CA GLY C 327 -7.87 25.42 8.08
C GLY C 327 -8.06 23.93 7.81
N ILE C 328 -9.13 23.35 8.35
CA ILE C 328 -9.44 21.93 8.18
C ILE C 328 -10.23 21.65 6.87
N TYR C 329 -9.77 20.66 6.11
CA TYR C 329 -10.41 20.28 4.84
C TYR C 329 -10.73 18.79 4.78
N GLY C 330 -11.84 18.44 4.13
CA GLY C 330 -12.22 17.03 3.95
C GLY C 330 -13.13 16.79 2.74
N GLY C 331 -13.49 15.53 2.53
CA GLY C 331 -14.35 15.17 1.40
C GLY C 331 -13.57 14.93 0.12
N ALA C 332 -14.25 14.47 -0.92
CA ALA C 332 -13.62 14.20 -2.21
C ALA C 332 -14.58 14.51 -3.37
N PRO C 333 -14.40 15.66 -4.05
CA PRO C 333 -13.35 16.70 -3.97
C PRO C 333 -13.31 17.46 -2.64
N ALA C 334 -12.11 17.88 -2.24
CA ALA C 334 -11.90 18.50 -0.95
C ALA C 334 -12.57 19.85 -0.85
N ARG C 335 -13.12 20.12 0.33
CA ARG C 335 -13.91 21.30 0.61
C ARG C 335 -13.68 21.58 2.09
N PRO C 336 -13.75 22.86 2.50
CA PRO C 336 -13.51 23.21 3.91
C PRO C 336 -14.42 22.48 4.88
N TYR C 337 -14.02 22.41 6.14
CA TYR C 337 -14.73 21.60 7.13
C TYR C 337 -16.23 21.86 7.21
N GLN C 338 -16.63 23.06 7.65
CA GLN C 338 -18.07 23.37 7.82
C GLN C 338 -18.90 23.08 6.57
N GLU C 339 -18.33 23.34 5.39
CA GLU C 339 -19.02 23.10 4.13
C GLU C 339 -19.29 21.63 3.83
N ILE C 340 -18.35 20.73 4.13
CA ILE C 340 -18.58 19.29 3.86
C ILE C 340 -19.52 18.69 4.89
N HIS C 341 -19.41 19.18 6.12
CA HIS C 341 -20.35 18.86 7.20
C HIS C 341 -21.78 19.12 6.75
N ARG C 342 -22.04 20.38 6.37
CA ARG C 342 -23.33 20.86 5.87
C ARG C 342 -23.80 20.02 4.67
N GLN C 343 -22.87 19.63 3.81
CA GLN C 343 -23.16 18.83 2.62
C GLN C 343 -23.64 17.40 2.97
N VAL C 344 -22.87 16.68 3.79
CA VAL C 344 -23.29 15.38 4.35
C VAL C 344 -24.66 15.51 4.97
N ALA C 345 -24.88 16.60 5.70
CA ALA C 345 -26.13 16.87 6.38
C ALA C 345 -27.30 16.95 5.40
N LYS C 346 -27.12 17.69 4.32
CA LYS C 346 -28.19 17.90 3.32
C LYS C 346 -28.44 16.67 2.43
N VAL C 347 -27.44 15.79 2.35
CA VAL C 347 -27.56 14.52 1.61
C VAL C 347 -28.40 13.53 2.41
N ARG C 348 -28.09 13.38 3.70
CA ARG C 348 -28.86 12.55 4.64
C ARG C 348 -30.32 12.94 4.62
N ASN C 349 -30.53 14.25 4.54
CA ASN C 349 -31.83 14.88 4.53
C ASN C 349 -32.77 14.59 3.34
N LEU C 350 -32.25 13.97 2.27
CA LEU C 350 -32.98 13.83 1.00
C LEU C 350 -34.38 13.15 1.01
N PRO C 351 -34.55 12.05 1.77
CA PRO C 351 -35.93 11.57 1.96
C PRO C 351 -36.87 12.62 2.59
N ARG C 352 -36.39 13.33 3.61
CA ARG C 352 -37.16 14.41 4.26
C ARG C 352 -37.49 15.53 3.29
N LEU C 353 -36.54 15.88 2.43
CA LEU C 353 -36.71 16.96 1.46
C LEU C 353 -37.69 16.57 0.37
N GLU C 354 -37.72 15.27 0.05
CA GLU C 354 -38.70 14.72 -0.90
C GLU C 354 -40.13 14.82 -0.34
N GLU C 355 -40.27 14.77 0.98
CA GLU C 355 -41.57 14.97 1.64
C GLU C 355 -42.11 16.36 1.31
N ARG C 356 -41.36 17.38 1.71
CA ARG C 356 -41.72 18.77 1.45
C ARG C 356 -41.96 19.01 -0.05
N ILE C 357 -41.61 18.03 -0.88
CA ILE C 357 -41.89 18.07 -2.31
C ILE C 357 -43.12 17.25 -2.64
N ALA C 358 -43.12 15.96 -2.26
CA ALA C 358 -44.26 15.09 -2.52
C ALA C 358 -45.58 15.77 -2.14
N ALA C 359 -45.65 16.23 -0.89
CA ALA C 359 -46.86 16.90 -0.37
C ALA C 359 -47.06 18.33 -0.88
N LEU C 360 -45.97 18.95 -1.34
CA LEU C 360 -46.05 20.26 -2.02
C LEU C 360 -46.69 20.11 -3.40
N GLU C 361 -46.41 18.97 -4.05
CA GLU C 361 -47.03 18.60 -5.32
C GLU C 361 -48.50 18.24 -5.15
N LYS C 362 -48.82 17.62 -3.99
CA LYS C 362 -50.19 17.19 -3.68
C LYS C 362 -51.14 18.34 -3.30
N LEU C 363 -50.78 19.54 -3.75
CA LEU C 363 -51.73 20.65 -3.80
C LEU C 363 -52.01 21.03 -5.26
N VAL C 364 -52.10 19.99 -6.11
CA VAL C 364 -52.85 20.03 -7.36
C VAL C 364 -54.34 19.96 -7.02
N GLN C 365 -54.61 19.77 -5.72
CA GLN C 365 -55.93 19.95 -5.09
C GLN C 365 -56.40 21.40 -5.22
N LYS C 366 -55.45 22.31 -5.40
CA LYS C 366 -55.71 23.66 -5.88
C LYS C 366 -55.95 23.58 -7.40
N LEU C 367 -56.87 22.69 -7.80
CA LEU C 367 -57.40 22.59 -9.16
C LEU C 367 -58.71 23.40 -9.25
N GLU C 368 -59.36 23.56 -8.10
CA GLU C 368 -60.48 24.46 -7.92
C GLU C 368 -60.02 25.91 -8.11
O1 MES D . -14.29 1.46 -29.60
C2 MES D . -13.17 1.26 -30.46
C3 MES D . -12.65 2.61 -30.96
N4 MES D . -13.70 3.58 -30.64
C5 MES D . -15.09 3.33 -30.95
C6 MES D . -15.44 2.00 -30.26
C7 MES D . -13.36 4.86 -30.04
C8 MES D . -12.60 4.61 -28.73
S MES D . -11.11 5.34 -28.76
O1S MES D . -10.20 4.53 -29.61
O2S MES D . -11.24 6.73 -29.26
O3S MES D . -10.56 5.43 -27.39
S SO4 E . 7.81 14.55 -36.57
O1 SO4 E . 7.40 15.83 -36.00
O2 SO4 E . 9.26 14.38 -36.56
O3 SO4 E . 7.19 13.49 -35.77
O4 SO4 E . 7.34 14.45 -37.96
S SO4 F . 11.44 -9.44 -28.66
O1 SO4 F . 10.85 -8.39 -29.48
O2 SO4 F . 12.65 -9.97 -29.32
O3 SO4 F . 11.81 -8.87 -27.36
O4 SO4 F . 10.47 -10.51 -28.45
S SO4 G . 28.85 7.94 -35.78
O1 SO4 G . 30.27 7.80 -35.50
O2 SO4 G . 28.19 6.70 -35.36
O3 SO4 G . 28.30 9.06 -35.00
O4 SO4 G . 28.60 8.17 -37.20
C1 PLM H . -11.98 -3.12 -4.07
O1 PLM H . -11.62 -4.30 -3.94
O2 PLM H . -11.21 -2.26 -3.59
C2 PLM H . -13.28 -2.77 -4.78
C3 PLM H . -13.77 -1.36 -4.46
C4 PLM H . -15.06 -1.03 -5.22
C5 PLM H . -16.32 -1.12 -4.36
C6 PLM H . -16.82 -2.56 -4.12
C7 PLM H . -18.34 -2.76 -4.17
C8 PLM H . -19.07 -2.04 -3.03
C9 PLM H . -19.43 -0.57 -3.36
CA PLM H . -18.53 0.41 -2.61
CB PLM H . -18.85 1.90 -2.74
CC PLM H . -20.28 2.27 -3.12
CD PLM H . -21.26 2.34 -1.95
CE PLM H . -22.31 1.23 -2.09
CF PLM H . -23.56 1.65 -2.86
CG PLM H . -24.44 0.47 -3.26
C1 PLM I . -4.98 11.21 -6.17
O1 PLM I . -5.28 10.30 -5.34
O2 PLM I . -3.85 11.15 -6.70
C2 PLM I . -5.94 12.35 -6.51
C3 PLM I . -7.16 12.41 -5.60
C4 PLM I . -8.30 13.26 -6.18
C5 PLM I . -9.38 12.40 -6.83
C6 PLM I . -10.08 13.10 -8.00
C7 PLM I . -9.36 12.92 -9.34
C8 PLM I . -8.48 14.11 -9.70
C9 PLM I . -9.13 15.03 -10.73
CA PLM I . -8.68 14.74 -12.16
CB PLM I . -7.55 15.66 -12.62
CC PLM I . -6.61 14.97 -13.59
CD PLM I . -5.37 14.40 -12.90
CE PLM I . -5.30 12.87 -13.01
CF PLM I . -5.61 12.18 -11.66
CG PLM I . -6.91 11.37 -11.73
S SO4 J . -24.86 -31.55 0.73
O1 SO4 J . -23.59 -31.54 0.01
O2 SO4 J . -25.10 -32.94 1.14
O3 SO4 J . -24.78 -30.73 1.92
O4 SO4 J . -25.90 -31.08 -0.19
S SO4 K . -17.83 6.39 18.71
O1 SO4 K . -16.89 7.24 17.97
O2 SO4 K . -17.85 5.10 18.06
O3 SO4 K . -17.38 6.20 20.10
O4 SO4 K . -19.16 6.99 18.65
S SO4 L . -3.49 -26.65 19.13
O1 SO4 L . -2.48 -25.58 19.15
O2 SO4 L . -2.88 -27.90 18.65
O3 SO4 L . -3.94 -26.83 20.50
O4 SO4 L . -4.61 -26.30 18.24
C1 PLM M . -8.72 5.89 8.30
O1 PLM M . -7.82 5.55 7.52
O2 PLM M . -8.42 5.94 9.52
C2 PLM M . -10.12 6.20 7.76
C3 PLM M . -10.96 7.07 8.68
C4 PLM M . -12.36 7.23 8.12
C5 PLM M . -12.73 8.72 8.01
C6 PLM M . -13.48 9.00 6.71
C7 PLM M . -14.10 10.40 6.72
C8 PLM M . -15.26 10.50 5.73
C9 PLM M . -16.30 11.53 6.20
CA PLM M . -16.22 12.88 5.48
CB PLM M . -16.11 12.73 3.97
CC PLM M . -17.41 13.04 3.19
CD PLM M . -17.49 12.36 1.81
CE PLM M . -16.19 12.33 0.99
CF PLM M . -15.10 11.35 1.48
CG PLM M . -15.02 10.09 0.63
S SO4 N . 22.34 19.82 14.14
O1 SO4 N . 22.99 21.09 13.80
O2 SO4 N . 23.20 18.70 13.75
O3 SO4 N . 22.14 19.76 15.60
O4 SO4 N . 21.08 19.75 13.42
S SO4 O . 3.18 23.80 37.22
O1 SO4 O . 3.62 24.80 38.19
O2 SO4 O . 4.21 23.70 36.19
O3 SO4 O . 3.00 22.50 37.88
O4 SO4 O . 1.92 24.23 36.59
#